data_359D
# 
_entry.id   359D 
# 
_audit_conform.dict_name       mmcif_pdbx.dic 
_audit_conform.dict_version    5.375 
_audit_conform.dict_location   http://mmcif.pdb.org/dictionaries/ascii/mmcif_pdbx.dic 
# 
loop_
_database_2.database_id 
_database_2.database_code 
_database_2.pdbx_database_accession 
_database_2.pdbx_DOI 
PDB   359D         pdb_0000359d 10.2210/pdb359d/pdb 
RCSB  URX067       ?            ?                   
WWPDB D_1000178828 ?            ?                   
# 
_pdbx_database_status.status_code                     REL 
_pdbx_database_status.entry_id                        359D 
_pdbx_database_status.recvd_initial_deposition_date   1997-10-27 
_pdbx_database_status.deposit_site                    NDB 
_pdbx_database_status.process_site                    NDB 
_pdbx_database_status.status_code_sf                  REL 
_pdbx_database_status.status_code_mr                  ? 
_pdbx_database_status.SG_entry                        ? 
_pdbx_database_status.pdb_format_compatible           Y 
_pdbx_database_status.status_code_cs                  ? 
_pdbx_database_status.status_code_nmr_data            ? 
_pdbx_database_status.methods_development_category    ? 
# 
loop_
_audit_author.name 
_audit_author.pdbx_ordinal 
'Feig, A.L.'      1 
'Scott, W.G.'     2 
'Uhlenbeck, O.C.' 3 
# 
loop_
_citation.id 
_citation.title 
_citation.journal_abbrev 
_citation.journal_volume 
_citation.page_first 
_citation.page_last 
_citation.year 
_citation.journal_id_ASTM 
_citation.country 
_citation.journal_id_ISSN 
_citation.journal_id_CSD 
_citation.book_publisher 
_citation.pdbx_database_id_PubMed 
_citation.pdbx_database_id_DOI 
primary 'Inhibition of the hammerhead ribozyme cleavage reaction by site-specific binding of Tb.' Science 279 81   84   1998 
SCIEAS US 0036-8075 0038 ? 9417029 10.1126/science.279.5347.81 
1       'Capturing the Structure of a Catalytic RNA Intermediate: The Hammerhead Ribozyme'        Science 274 2065 2069 1996 
SCIEAS US 0036-8075 0038 ? ?       ?                           
# 
loop_
_citation_author.citation_id 
_citation_author.name 
_citation_author.ordinal 
_citation_author.identifier_ORCID 
primary 'Feig, A.L.'      1 ? 
primary 'Scott, W.G.'     2 ? 
primary 'Uhlenbeck, O.C.' 3 ? 
1       'Scott, W.G.'     4 ? 
1       'Murray, J.B.'    5 ? 
1       'Arnold, J.R.P.'  6 ? 
1       'Stoddard, B.L.'  7 ? 
1       'Klug, A.'        8 ? 
# 
_cell.entry_id           359D 
_cell.length_a           65.540 
_cell.length_b           65.540 
_cell.length_c           138.080 
_cell.angle_alpha        90.00 
_cell.angle_beta         90.00 
_cell.angle_gamma        120.00 
_cell.Z_PDB              6 
_cell.pdbx_unique_axis   ? 
# 
_symmetry.entry_id                         359D 
_symmetry.space_group_name_H-M             'P 31 2 1' 
_symmetry.pdbx_full_space_group_name_H-M   ? 
_symmetry.cell_setting                     ? 
_symmetry.Int_Tables_number                152 
# 
loop_
_entity.id 
_entity.type 
_entity.src_method 
_entity.pdbx_description 
_entity.formula_weight 
_entity.pdbx_number_of_molecules 
_entity.pdbx_ec 
_entity.pdbx_mutation 
_entity.pdbx_fragment 
_entity.details 
1 polymer     syn 'RNA HAMMERHEAD RIBOZYME' 5170.103 1 ? ? ? ? 
2 polymer     syn 'RNA HAMMERHEAD RIBOZYME' 8019.876 1 ? ? ? ? 
3 non-polymer syn 'TERBIUM(III) ION'        158.925  5 ? ? ? ? 
# 
loop_
_entity_poly.entity_id 
_entity_poly.type 
_entity_poly.nstd_linkage 
_entity_poly.nstd_monomer 
_entity_poly.pdbx_seq_one_letter_code 
_entity_poly.pdbx_seq_one_letter_code_can 
_entity_poly.pdbx_strand_id 
_entity_poly.pdbx_target_identifier 
1 polyribonucleotide no no GUGGUCUGAUGAGGCC          GUGGUCUGAUGAGGCC          A ? 
2 polyribonucleotide no no GGCCGAAACUCGUAAGAGUCACCAC GGCCGAAACUCGUAAGAGUCACCAC B ? 
# 
loop_
_entity_poly_seq.entity_id 
_entity_poly_seq.num 
_entity_poly_seq.mon_id 
_entity_poly_seq.hetero 
1 1  G n 
1 2  U n 
1 3  G n 
1 4  G n 
1 5  U n 
1 6  C n 
1 7  U n 
1 8  G n 
1 9  A n 
1 10 U n 
1 11 G n 
1 12 A n 
1 13 G n 
1 14 G n 
1 15 C n 
1 16 C n 
2 1  G n 
2 2  G n 
2 3  C n 
2 4  C n 
2 5  G n 
2 6  A n 
2 7  A n 
2 8  A n 
2 9  C n 
2 10 U n 
2 11 C n 
2 12 G n 
2 13 U n 
2 14 A n 
2 15 A n 
2 16 G n 
2 17 A n 
2 18 G n 
2 19 U n 
2 20 C n 
2 21 A n 
2 22 C n 
2 23 C n 
2 24 A n 
2 25 C n 
# 
loop_
_struct_ref.id 
_struct_ref.entity_id 
_struct_ref.db_name 
_struct_ref.db_code 
_struct_ref.pdbx_db_accession 
_struct_ref.pdbx_db_isoform 
_struct_ref.pdbx_seq_one_letter_code 
_struct_ref.pdbx_align_begin 
1 1 PDB 359D 359D ? ? ? 
2 2 PDB 359D 359D ? ? ? 
# 
loop_
_struct_ref_seq.align_id 
_struct_ref_seq.ref_id 
_struct_ref_seq.pdbx_PDB_id_code 
_struct_ref_seq.pdbx_strand_id 
_struct_ref_seq.seq_align_beg 
_struct_ref_seq.pdbx_seq_align_beg_ins_code 
_struct_ref_seq.seq_align_end 
_struct_ref_seq.pdbx_seq_align_end_ins_code 
_struct_ref_seq.pdbx_db_accession 
_struct_ref_seq.db_align_beg 
_struct_ref_seq.pdbx_db_align_beg_ins_code 
_struct_ref_seq.db_align_end 
_struct_ref_seq.pdbx_db_align_end_ins_code 
_struct_ref_seq.pdbx_auth_seq_align_beg 
_struct_ref_seq.pdbx_auth_seq_align_end 
1 1 359D A 1 ? 16 ? 359D 25  ? 104 ? 25  104 
2 2 359D B 1 ? 25 ? 359D 114 ? 15  ? 114 15  
# 
loop_
_chem_comp.id 
_chem_comp.type 
_chem_comp.mon_nstd_flag 
_chem_comp.name 
_chem_comp.pdbx_synonyms 
_chem_comp.formula 
_chem_comp.formula_weight 
A  'RNA linking' y "ADENOSINE-5'-MONOPHOSPHATE" ? 'C10 H14 N5 O7 P' 347.221 
C  'RNA linking' y "CYTIDINE-5'-MONOPHOSPHATE"  ? 'C9 H14 N3 O8 P'  323.197 
G  'RNA linking' y "GUANOSINE-5'-MONOPHOSPHATE" ? 'C10 H14 N5 O8 P' 363.221 
TB non-polymer   . 'TERBIUM(III) ION'           ? 'Tb 3'            158.925 
U  'RNA linking' y "URIDINE-5'-MONOPHOSPHATE"   ? 'C9 H13 N2 O9 P'  324.181 
# 
_exptl.entry_id          359D 
_exptl.method            'X-RAY DIFFRACTION' 
_exptl.crystals_number   1 
# 
_exptl_crystal.id                    1 
_exptl_crystal.density_meas          ? 
_exptl_crystal.density_Matthews      6.49 
_exptl_crystal.density_percent_sol   78.0000 
_exptl_crystal.description           ? 
# 
_exptl_crystal_grow.crystal_id      1 
_exptl_crystal_grow.method          'VAPOR DIFFUSION, SITTING DROP' 
_exptl_crystal_grow.temp            ? 
_exptl_crystal_grow.temp_details    ? 
_exptl_crystal_grow.pH              6.00 
_exptl_crystal_grow.pdbx_details    'pH 6.00, VAPOR DIFFUSION, SITTING DROP' 
_exptl_crystal_grow.pdbx_pH_range   ? 
# 
loop_
_exptl_crystal_grow_comp.crystal_id 
_exptl_crystal_grow_comp.id 
_exptl_crystal_grow_comp.sol_id 
_exptl_crystal_grow_comp.name 
_exptl_crystal_grow_comp.volume 
_exptl_crystal_grow_comp.conc 
_exptl_crystal_grow_comp.details 
1 1 1 WATER           ? ? ? 
1 2 1 'LI SULFATE'    ? ? ? 
1 3 1 'NA CACODYLATE' ? ? ? 
1 4 1 TBCL3           ? ? ? 
# 
_diffrn.id                     1 
_diffrn.ambient_temp           100.00 
_diffrn.ambient_temp_details   ? 
_diffrn.crystal_id             1 
# 
_diffrn_detector.diffrn_id              1 
_diffrn_detector.detector               'IMAGE PLATE' 
_diffrn_detector.type                   MARRESEARCH 
_diffrn_detector.pdbx_collection_date   1996-11-03 
_diffrn_detector.details                MIRRORS 
# 
_diffrn_radiation.diffrn_id                        1 
_diffrn_radiation.wavelength_id                    1 
_diffrn_radiation.pdbx_monochromatic_or_laue_m_l   M 
_diffrn_radiation.monochromator                    ? 
_diffrn_radiation.pdbx_diffrn_protocol             ? 
_diffrn_radiation.pdbx_scattering_type             x-ray 
# 
_diffrn_radiation_wavelength.id           1 
_diffrn_radiation_wavelength.wavelength   . 
_diffrn_radiation_wavelength.wt           1.0 
# 
_diffrn_source.diffrn_id                   1 
_diffrn_source.source                      SYNCHROTRON 
_diffrn_source.type                        'SRS BEAMLINE PX9.6' 
_diffrn_source.pdbx_synchrotron_site       SRS 
_diffrn_source.pdbx_synchrotron_beamline   PX9.6 
_diffrn_source.pdbx_wavelength             ? 
_diffrn_source.pdbx_wavelength_list        ? 
# 
_reflns.entry_id                     359D 
_reflns.observed_criterion_sigma_I   0.000 
_reflns.observed_criterion_sigma_F   ? 
_reflns.d_resolution_low             35.800 
_reflns.d_resolution_high            2.900 
_reflns.number_obs                   7810 
_reflns.number_all                   ? 
_reflns.percent_possible_obs         97.700 
_reflns.pdbx_Rmerge_I_obs            0.0520000 
_reflns.pdbx_Rsym_value              0.0470000 
_reflns.pdbx_netI_over_sigmaI        7.7000 
_reflns.B_iso_Wilson_estimate        ? 
_reflns.pdbx_redundancy              3.900 
_reflns.pdbx_diffrn_id               1 
_reflns.pdbx_ordinal                 1 
# 
_reflns_shell.d_res_high             2.900 
_reflns_shell.d_res_low              3.060 
_reflns_shell.percent_possible_all   100.0 
_reflns_shell.Rmerge_I_obs           0.0820000 
_reflns_shell.pdbx_Rsym_value        0.0790000 
_reflns_shell.meanI_over_sigI_obs    4.800 
_reflns_shell.pdbx_redundancy        4.100 
_reflns_shell.pdbx_diffrn_id         ? 
_reflns_shell.pdbx_ordinal           1 
# 
_refine.entry_id                                 359D 
_refine.ls_number_reflns_obs                     7810 
_refine.ls_number_reflns_all                     ? 
_refine.pdbx_ls_sigma_I                          ? 
_refine.pdbx_ls_sigma_F                          0.000 
_refine.pdbx_data_cutoff_high_absF               ? 
_refine.pdbx_data_cutoff_low_absF                ? 
_refine.pdbx_data_cutoff_high_rms_absF           ? 
_refine.ls_d_res_low                             35.800 
_refine.ls_d_res_high                            2.900 
_refine.ls_percent_reflns_obs                    97.700 
_refine.ls_R_factor_obs                          0.2560000 
_refine.ls_R_factor_all                          ? 
_refine.ls_R_factor_R_work                       0.2560000 
_refine.ls_R_factor_R_free                       0.3020000 
_refine.ls_R_factor_R_free_error                 ? 
_refine.ls_R_factor_R_free_error_details         ? 
_refine.ls_percent_reflns_R_free                 10.000 
_refine.ls_number_reflns_R_free                  781 
_refine.ls_number_parameters                     ? 
_refine.ls_number_restraints                     ? 
_refine.occupancy_min                            ? 
_refine.occupancy_max                            ? 
_refine.B_iso_mean                               52.70 
_refine.aniso_B[1][1]                            ? 
_refine.aniso_B[2][2]                            ? 
_refine.aniso_B[3][3]                            ? 
_refine.aniso_B[1][2]                            ? 
_refine.aniso_B[1][3]                            ? 
_refine.aniso_B[2][3]                            ? 
_refine.solvent_model_details                    ? 
_refine.solvent_model_param_ksol                 ? 
_refine.solvent_model_param_bsol                 ? 
_refine.pdbx_ls_cross_valid_method               ? 
_refine.details                                  'BULK SOLVENT MODEL EMPLOYED TO INCLUDE ALL LOW RESOLUTION DATA' 
_refine.pdbx_starting_model                      'NDB ENTRY URX057 (PDB ENTRY 299D)' 
_refine.pdbx_method_to_determine_struct          ? 
_refine.pdbx_isotropic_thermal_model             ? 
_refine.pdbx_stereochemistry_target_values       ? 
_refine.pdbx_stereochem_target_val_spec_case     ? 
_refine.pdbx_R_Free_selection_details            ? 
_refine.pdbx_overall_ESU_R                       ? 
_refine.pdbx_overall_ESU_R_Free                  ? 
_refine.overall_SU_ML                            ? 
_refine.overall_SU_B                             ? 
_refine.pdbx_refine_id                           'X-RAY DIFFRACTION' 
_refine.pdbx_diffrn_id                           1 
_refine.pdbx_TLS_residual_ADP_flag               ? 
_refine.correlation_coeff_Fo_to_Fc               ? 
_refine.correlation_coeff_Fo_to_Fc_free          ? 
_refine.pdbx_solvent_vdw_probe_radii             ? 
_refine.pdbx_solvent_ion_probe_radii             ? 
_refine.pdbx_solvent_shrinkage_radii             ? 
_refine.pdbx_overall_phase_error                 ? 
_refine.overall_SU_R_Cruickshank_DPI             ? 
_refine.pdbx_overall_SU_R_free_Cruickshank_DPI   ? 
_refine.pdbx_overall_SU_R_Blow_DPI               ? 
_refine.pdbx_overall_SU_R_free_Blow_DPI          ? 
# 
_refine_analyze.entry_id                        359D 
_refine_analyze.Luzzati_coordinate_error_obs    0.03 
_refine_analyze.Luzzati_sigma_a_obs             ? 
_refine_analyze.Luzzati_d_res_low_obs           ? 
_refine_analyze.Luzzati_coordinate_error_free   ? 
_refine_analyze.Luzzati_sigma_a_free            ? 
_refine_analyze.Luzzati_d_res_low_free          ? 
_refine_analyze.number_disordered_residues      ? 
_refine_analyze.occupancy_sum_hydrogen          ? 
_refine_analyze.occupancy_sum_non_hydrogen      ? 
_refine_analyze.pdbx_refine_id                  'X-RAY DIFFRACTION' 
# 
_refine_hist.pdbx_refine_id                   'X-RAY DIFFRACTION' 
_refine_hist.cycle_id                         LAST 
_refine_hist.pdbx_number_atoms_protein        0 
_refine_hist.pdbx_number_atoms_nucleic_acid   873 
_refine_hist.pdbx_number_atoms_ligand         5 
_refine_hist.number_atoms_solvent             0 
_refine_hist.number_atoms_total               878 
_refine_hist.d_res_high                       2.900 
_refine_hist.d_res_low                        35.800 
# 
loop_
_refine_ls_restr.type 
_refine_ls_restr.dev_ideal 
_refine_ls_restr.dev_ideal_target 
_refine_ls_restr.weight 
_refine_ls_restr.number 
_refine_ls_restr.pdbx_refine_id 
_refine_ls_restr.pdbx_restraint_function 
x_bond_d                0.015 ? ? ? 'X-RAY DIFFRACTION' ? 
x_bond_d_na             ?     ? ? ? 'X-RAY DIFFRACTION' ? 
x_bond_d_prot           ?     ? ? ? 'X-RAY DIFFRACTION' ? 
x_angle_d               ?     ? ? ? 'X-RAY DIFFRACTION' ? 
x_angle_d_na            ?     ? ? ? 'X-RAY DIFFRACTION' ? 
x_angle_d_prot          ?     ? ? ? 'X-RAY DIFFRACTION' ? 
x_angle_deg             2.17  ? ? ? 'X-RAY DIFFRACTION' ? 
x_angle_deg_na          ?     ? ? ? 'X-RAY DIFFRACTION' ? 
x_angle_deg_prot        ?     ? ? ? 'X-RAY DIFFRACTION' ? 
x_dihedral_angle_d      14.7  ? ? ? 'X-RAY DIFFRACTION' ? 
x_dihedral_angle_d_na   ?     ? ? ? 'X-RAY DIFFRACTION' ? 
x_dihedral_angle_d_prot ?     ? ? ? 'X-RAY DIFFRACTION' ? 
x_improper_angle_d      1.10  ? ? ? 'X-RAY DIFFRACTION' ? 
x_improper_angle_d_na   ?     ? ? ? 'X-RAY DIFFRACTION' ? 
x_improper_angle_d_prot ?     ? ? ? 'X-RAY DIFFRACTION' ? 
x_mcbond_it             ?     ? ? ? 'X-RAY DIFFRACTION' ? 
x_mcangle_it            ?     ? ? ? 'X-RAY DIFFRACTION' ? 
x_scbond_it             ?     ? ? ? 'X-RAY DIFFRACTION' ? 
x_scangle_it            ?     ? ? ? 'X-RAY DIFFRACTION' ? 
# 
_pdbx_xplor_file.serial_no        1 
_pdbx_xplor_file.param_file       NDB_PARAMETER_FILE.RNA 
_pdbx_xplor_file.topol_file       NDB_TOPOLOGY_FILE.RNA 
_pdbx_xplor_file.pdbx_refine_id   'X-RAY DIFFRACTION' 
# 
_struct.entry_id                  359D 
_struct.title                     'INHIBITION OF THE HAMMERHEAD RIBOZYME CLEAVAGE REACTION BY SITE-SPECIFIC BINDING OF TB(III)' 
_struct.pdbx_model_details        ? 
_struct.pdbx_CASP_flag            ? 
_struct.pdbx_model_type_details   ? 
# 
_struct_keywords.entry_id        359D 
_struct_keywords.pdbx_keywords   RIBOZYME 
_struct_keywords.text            'RNA HAMMERHEAD RIBOZYME, CATALYTIC RNA, LOOP, RIBOZYME' 
# 
loop_
_struct_asym.id 
_struct_asym.pdbx_blank_PDB_chainid_flag 
_struct_asym.pdbx_modified 
_struct_asym.entity_id 
_struct_asym.details 
A N N 1 ? 
B N N 2 ? 
C N N 3 ? 
D N N 3 ? 
E N N 3 ? 
F N N 3 ? 
G N N 3 ? 
# 
_struct_biol.id   1 
# 
loop_
_struct_conn.id 
_struct_conn.conn_type_id 
_struct_conn.pdbx_leaving_atom_flag 
_struct_conn.pdbx_PDB_id 
_struct_conn.ptnr1_label_asym_id 
_struct_conn.ptnr1_label_comp_id 
_struct_conn.ptnr1_label_seq_id 
_struct_conn.ptnr1_label_atom_id 
_struct_conn.pdbx_ptnr1_label_alt_id 
_struct_conn.pdbx_ptnr1_PDB_ins_code 
_struct_conn.pdbx_ptnr1_standard_comp_id 
_struct_conn.ptnr1_symmetry 
_struct_conn.ptnr2_label_asym_id 
_struct_conn.ptnr2_label_comp_id 
_struct_conn.ptnr2_label_seq_id 
_struct_conn.ptnr2_label_atom_id 
_struct_conn.pdbx_ptnr2_label_alt_id 
_struct_conn.pdbx_ptnr2_PDB_ins_code 
_struct_conn.ptnr1_auth_asym_id 
_struct_conn.ptnr1_auth_comp_id 
_struct_conn.ptnr1_auth_seq_id 
_struct_conn.ptnr2_auth_asym_id 
_struct_conn.ptnr2_auth_comp_id 
_struct_conn.ptnr2_auth_seq_id 
_struct_conn.ptnr2_symmetry 
_struct_conn.pdbx_ptnr3_label_atom_id 
_struct_conn.pdbx_ptnr3_label_seq_id 
_struct_conn.pdbx_ptnr3_label_comp_id 
_struct_conn.pdbx_ptnr3_label_asym_id 
_struct_conn.pdbx_ptnr3_label_alt_id 
_struct_conn.pdbx_ptnr3_PDB_ins_code 
_struct_conn.details 
_struct_conn.pdbx_dist_value 
_struct_conn.pdbx_value_order 
_struct_conn.pdbx_role 
hydrog1  hydrog ? ? A G 1  N1 ? ? ? 1_555 B C 25 N3 ? ? A G 25  B C 15  1_555 ? ? ? ? ? ? WATSON-CRICK  ? ? ? 
hydrog2  hydrog ? ? A G 1  N2 ? ? ? 1_555 B C 25 O2 ? ? A G 25  B C 15  1_555 ? ? ? ? ? ? WATSON-CRICK  ? ? ? 
hydrog3  hydrog ? ? A G 1  O6 ? ? ? 1_555 B C 25 N4 ? ? A G 25  B C 15  1_555 ? ? ? ? ? ? WATSON-CRICK  ? ? ? 
hydrog4  hydrog ? ? A U 2  N3 ? ? ? 1_555 B A 24 N1 ? ? A U 24  B A 14  1_555 ? ? ? ? ? ? 'U-A PAIR'    ? ? ? 
hydrog5  hydrog ? ? A G 3  N1 ? ? ? 1_555 B C 23 N3 ? ? A G 23  B C 13  1_555 ? ? ? ? ? ? WATSON-CRICK  ? ? ? 
hydrog6  hydrog ? ? A G 3  N2 ? ? ? 1_555 B C 23 O2 ? ? A G 23  B C 13  1_555 ? ? ? ? ? ? WATSON-CRICK  ? ? ? 
hydrog7  hydrog ? ? A G 3  O6 ? ? ? 1_555 B C 23 N4 ? ? A G 23  B C 13  1_555 ? ? ? ? ? ? WATSON-CRICK  ? ? ? 
hydrog8  hydrog ? ? A G 4  N1 ? ? ? 1_555 B C 22 N3 ? ? A G 22  B C 12  1_555 ? ? ? ? ? ? WATSON-CRICK  ? ? ? 
hydrog9  hydrog ? ? A G 4  N2 ? ? ? 1_555 B C 22 O2 ? ? A G 22  B C 12  1_555 ? ? ? ? ? ? WATSON-CRICK  ? ? ? 
hydrog10 hydrog ? ? A G 4  O6 ? ? ? 1_555 B C 22 N4 ? ? A G 22  B C 12  1_555 ? ? ? ? ? ? WATSON-CRICK  ? ? ? 
hydrog11 hydrog ? ? A U 5  N3 ? ? ? 1_555 B A 21 N1 ? ? A U 21  B A 11  1_555 ? ? ? ? ? ? WATSON-CRICK  ? ? ? 
hydrog12 hydrog ? ? A U 5  O4 ? ? ? 1_555 B A 21 N6 ? ? A U 21  B A 11  1_555 ? ? ? ? ? ? WATSON-CRICK  ? ? ? 
hydrog13 hydrog ? ? A C 6  N3 ? ? ? 1_555 B C 20 N4 ? ? A C 30  B C 170 1_555 ? ? ? ? ? ? 'C-C MISPAIR' ? ? ? 
hydrog14 hydrog ? ? A U 10 O2 ? ? ? 1_555 B A 7  N6 ? ? A U 70  B A 140 1_555 ? ? ? ? ? ? 'U-A PAIR'    ? ? ? 
hydrog15 hydrog ? ? A G 11 N2 ? ? ? 1_555 B A 6  N7 ? ? A G 80  B A 130 1_555 ? ? ? ? ? ? TYPE_11_PAIR  ? ? ? 
hydrog16 hydrog ? ? A G 11 N3 ? ? ? 1_555 B A 6  N6 ? ? A G 80  B A 130 1_555 ? ? ? ? ? ? TYPE_11_PAIR  ? ? ? 
hydrog17 hydrog ? ? A A 12 N7 ? ? ? 1_555 B G 5  N2 ? ? A A 90  B G 120 1_555 ? ? ? ? ? ? 'A-G MISPAIR' ? ? ? 
hydrog18 hydrog ? ? A G 13 N1 ? ? ? 1_555 B C 4  N3 ? ? A G 101 B C 111 1_555 ? ? ? ? ? ? WATSON-CRICK  ? ? ? 
hydrog19 hydrog ? ? A G 13 N2 ? ? ? 1_555 B C 4  O2 ? ? A G 101 B C 111 1_555 ? ? ? ? ? ? WATSON-CRICK  ? ? ? 
hydrog20 hydrog ? ? A G 13 O6 ? ? ? 1_555 B C 4  N4 ? ? A G 101 B C 111 1_555 ? ? ? ? ? ? WATSON-CRICK  ? ? ? 
hydrog21 hydrog ? ? A G 14 N1 ? ? ? 1_555 B C 3  N3 ? ? A G 102 B C 112 1_555 ? ? ? ? ? ? WATSON-CRICK  ? ? ? 
hydrog22 hydrog ? ? A G 14 N2 ? ? ? 1_555 B C 3  O2 ? ? A G 102 B C 112 1_555 ? ? ? ? ? ? WATSON-CRICK  ? ? ? 
hydrog23 hydrog ? ? A G 14 O6 ? ? ? 1_555 B C 3  N4 ? ? A G 102 B C 112 1_555 ? ? ? ? ? ? WATSON-CRICK  ? ? ? 
hydrog24 hydrog ? ? A C 15 N3 ? ? ? 1_555 B G 2  N1 ? ? A C 103 B G 113 1_555 ? ? ? ? ? ? WATSON-CRICK  ? ? ? 
hydrog25 hydrog ? ? A C 15 N4 ? ? ? 1_555 B G 2  O6 ? ? A C 103 B G 113 1_555 ? ? ? ? ? ? WATSON-CRICK  ? ? ? 
hydrog26 hydrog ? ? A C 15 O2 ? ? ? 1_555 B G 2  N2 ? ? A C 103 B G 113 1_555 ? ? ? ? ? ? WATSON-CRICK  ? ? ? 
hydrog27 hydrog ? ? A C 16 N3 ? ? ? 1_555 B G 1  N1 ? ? A C 104 B G 114 1_555 ? ? ? ? ? ? WATSON-CRICK  ? ? ? 
hydrog28 hydrog ? ? A C 16 N4 ? ? ? 1_555 B G 1  O6 ? ? A C 104 B G 114 1_555 ? ? ? ? ? ? WATSON-CRICK  ? ? ? 
hydrog29 hydrog ? ? A C 16 O2 ? ? ? 1_555 B G 1  N2 ? ? A C 104 B G 114 1_555 ? ? ? ? ? ? WATSON-CRICK  ? ? ? 
hydrog30 hydrog ? ? B A 8  N6 ? ? ? 1_555 B U 19 O4 ? ? B A 151 B U 161 1_555 ? ? ? ? ? ? 'A-U PAIR'    ? ? ? 
hydrog31 hydrog ? ? B C 9  N3 ? ? ? 1_555 B G 18 N1 ? ? B C 152 B G 162 1_555 ? ? ? ? ? ? WATSON-CRICK  ? ? ? 
hydrog32 hydrog ? ? B C 9  N4 ? ? ? 1_555 B G 18 O6 ? ? B C 152 B G 162 1_555 ? ? ? ? ? ? WATSON-CRICK  ? ? ? 
hydrog33 hydrog ? ? B C 9  O2 ? ? ? 1_555 B G 18 N2 ? ? B C 152 B G 162 1_555 ? ? ? ? ? ? WATSON-CRICK  ? ? ? 
hydrog34 hydrog ? ? B U 10 N3 ? ? ? 1_555 B A 17 N1 ? ? B U 153 B A 163 1_555 ? ? ? ? ? ? WATSON-CRICK  ? ? ? 
hydrog35 hydrog ? ? B U 10 O4 ? ? ? 1_555 B A 17 N6 ? ? B U 153 B A 163 1_555 ? ? ? ? ? ? WATSON-CRICK  ? ? ? 
hydrog36 hydrog ? ? B C 11 N3 ? ? ? 1_555 B G 16 N1 ? ? B C 154 B G 164 1_555 ? ? ? ? ? ? WATSON-CRICK  ? ? ? 
hydrog37 hydrog ? ? B C 11 N4 ? ? ? 1_555 B G 16 O6 ? ? B C 154 B G 164 1_555 ? ? ? ? ? ? WATSON-CRICK  ? ? ? 
hydrog38 hydrog ? ? B C 11 O2 ? ? ? 1_555 B G 16 N2 ? ? B C 154 B G 164 1_555 ? ? ? ? ? ? WATSON-CRICK  ? ? ? 
hydrog39 hydrog ? ? B G 12 N2 ? L ? 1_555 B A 15 N7 ? L B G 31  B A 34  1_555 ? ? ? ? ? ? 'G-A MISPAIR' ? ? ? 
# 
_struct_conn_type.id          hydrog 
_struct_conn_type.criteria    ? 
_struct_conn_type.reference   ? 
# 
loop_
_struct_site.id 
_struct_site.pdbx_evidence_code 
_struct_site.pdbx_auth_asym_id 
_struct_site.pdbx_auth_comp_id 
_struct_site.pdbx_auth_seq_id 
_struct_site.pdbx_auth_ins_code 
_struct_site.pdbx_num_residues 
_struct_site.details 
AC1 Software B TB 1 ? 1 'BINDING SITE FOR RESIDUE TB B 1' 
AC2 Software B TB 7 ? 2 'BINDING SITE FOR RESIDUE TB B 7' 
AC3 Software B TB 8 ? 1 'BINDING SITE FOR RESIDUE TB B 8' 
# 
loop_
_struct_site_gen.id 
_struct_site_gen.site_id 
_struct_site_gen.pdbx_num_res 
_struct_site_gen.label_comp_id 
_struct_site_gen.label_asym_id 
_struct_site_gen.label_seq_id 
_struct_site_gen.pdbx_auth_ins_code 
_struct_site_gen.auth_comp_id 
_struct_site_gen.auth_asym_id 
_struct_site_gen.auth_seq_id 
_struct_site_gen.label_atom_id 
_struct_site_gen.label_alt_id 
_struct_site_gen.symmetry 
_struct_site_gen.details 
1 AC1 1 C B 22 ? C B 12  . ? 1_555 ? 
2 AC2 2 A B 21 ? A B 11  . ? 1_555 ? 
3 AC2 2 C B 22 ? C B 12  . ? 1_555 ? 
4 AC3 1 A B 17 ? A B 163 . ? 1_555 ? 
# 
_atom_sites.entry_id                    359D 
_atom_sites.fract_transf_matrix[1][1]   -0.00411422 
_atom_sites.fract_transf_matrix[1][2]   0.01694128 
_atom_sites.fract_transf_matrix[1][3]   0.00254387 
_atom_sites.fract_transf_matrix[2][1]   -0.00728972 
_atom_sites.fract_transf_matrix[2][2]   0.00510753 
_atom_sites.fract_transf_matrix[2][3]   0.01520418 
_atom_sites.fract_transf_matrix[3][1]   0.00658923 
_atom_sites.fract_transf_matrix[3][2]   0.00118563 
_atom_sites.fract_transf_matrix[3][3]   0.00276095 
_atom_sites.fract_transf_vector[1]      0.416858 
_atom_sites.fract_transf_vector[2]      0.009707 
_atom_sites.fract_transf_vector[3]      0.204047 
# 
loop_
_atom_type.symbol 
C  
N  
O  
P  
TB 
# 
loop_
_atom_site.group_PDB 
_atom_site.id 
_atom_site.type_symbol 
_atom_site.label_atom_id 
_atom_site.label_alt_id 
_atom_site.label_comp_id 
_atom_site.label_asym_id 
_atom_site.label_entity_id 
_atom_site.label_seq_id 
_atom_site.pdbx_PDB_ins_code 
_atom_site.Cartn_x 
_atom_site.Cartn_y 
_atom_site.Cartn_z 
_atom_site.occupancy 
_atom_site.B_iso_or_equiv 
_atom_site.pdbx_formal_charge 
_atom_site.auth_seq_id 
_atom_site.auth_comp_id 
_atom_site.auth_asym_id 
_atom_site.auth_atom_id 
_atom_site.pdbx_PDB_model_num 
ATOM   1   O  "O5'" . G  A 1 1  ? 13.718  1.130   8.543   1.00 54.73 ? 25  G  A "O5'" 1 
ATOM   2   C  "C5'" . G  A 1 1  ? 14.613  0.097   8.137   1.00 52.85 ? 25  G  A "C5'" 1 
ATOM   3   C  "C4'" . G  A 1 1  ? 15.164  -0.654  9.319   1.00 50.52 ? 25  G  A "C4'" 1 
ATOM   4   O  "O4'" . G  A 1 1  ? 15.603  0.290   10.317  1.00 52.08 ? 25  G  A "O4'" 1 
ATOM   5   C  "C3'" . G  A 1 1  ? 14.119  -1.480  10.002  1.00 51.41 ? 25  G  A "C3'" 1 
ATOM   6   O  "O3'" . G  A 1 1  ? 14.085  -2.749  9.422   1.00 53.54 ? 25  G  A "O3'" 1 
ATOM   7   C  "C2'" . G  A 1 1  ? 14.568  -1.513  11.452  1.00 51.09 ? 25  G  A "C2'" 1 
ATOM   8   O  "O2'" . G  A 1 1  ? 15.518  -2.510  11.714  1.00 48.79 ? 25  G  A "O2'" 1 
ATOM   9   C  "C1'" . G  A 1 1  ? 15.178  -0.124  11.598  1.00 51.71 ? 25  G  A "C1'" 1 
ATOM   10  N  N9    . G  A 1 1  ? 14.274  0.909   12.083  1.00 52.62 ? 25  G  A N9    1 
ATOM   11  C  C8    . G  A 1 1  ? 13.865  2.012   11.378  1.00 52.69 ? 25  G  A C8    1 
ATOM   12  N  N7    . G  A 1 1  ? 13.145  2.835   12.085  1.00 53.50 ? 25  G  A N7    1 
ATOM   13  C  C5    . G  A 1 1  ? 13.049  2.224   13.324  1.00 51.59 ? 25  G  A C5    1 
ATOM   14  C  C6    . G  A 1 1  ? 12.404  2.652   14.485  1.00 53.43 ? 25  G  A C6    1 
ATOM   15  O  O6    . G  A 1 1  ? 11.774  3.715   14.672  1.00 54.74 ? 25  G  A O6    1 
ATOM   16  N  N1    . G  A 1 1  ? 12.535  1.721   15.510  1.00 50.88 ? 25  G  A N1    1 
ATOM   17  C  C2    . G  A 1 1  ? 13.210  0.540   15.407  1.00 50.02 ? 25  G  A C2    1 
ATOM   18  N  N2    . G  A 1 1  ? 13.219  -0.212  16.487  1.00 52.20 ? 25  G  A N2    1 
ATOM   19  N  N3    . G  A 1 1  ? 13.829  0.131   14.329  1.00 50.44 ? 25  G  A N3    1 
ATOM   20  C  C4    . G  A 1 1  ? 13.712  1.017   13.330  1.00 51.65 ? 25  G  A C4    1 
ATOM   21  P  P     . U  A 1 2  ? 12.670  -3.464  9.225   1.00 58.29 ? 24  U  A P     1 
ATOM   22  O  OP1   . U  A 1 2  ? 12.920  -4.676  8.381   1.00 57.44 ? 24  U  A OP1   1 
ATOM   23  O  OP2   . U  A 1 2  ? 11.726  -2.395  8.753   1.00 57.98 ? 24  U  A OP2   1 
ATOM   24  O  "O5'" . U  A 1 2  ? 12.268  -3.940  10.692  1.00 53.91 ? 24  U  A "O5'" 1 
ATOM   25  C  "C5'" . U  A 1 2  ? 12.965  -5.020  11.282  1.00 52.62 ? 24  U  A "C5'" 1 
ATOM   26  C  "C4'" . U  A 1 2  ? 12.575  -5.188  12.721  1.00 51.32 ? 24  U  A "C4'" 1 
ATOM   27  O  "O4'" . U  A 1 2  ? 12.943  -4.021  13.489  1.00 49.76 ? 24  U  A "O4'" 1 
ATOM   28  C  "C3'" . U  A 1 2  ? 11.103  -5.310  12.999  1.00 50.99 ? 24  U  A "C3'" 1 
ATOM   29  O  "O3'" . U  A 1 2  ? 10.691  -6.615  12.777  1.00 53.75 ? 24  U  A "O3'" 1 
ATOM   30  C  "C2'" . U  A 1 2  ? 11.039  -5.008  14.478  1.00 48.73 ? 24  U  A "C2'" 1 
ATOM   31  O  "O2'" . U  A 1 2  ? 11.502  -6.104  15.236  1.00 51.28 ? 24  U  A "O2'" 1 
ATOM   32  C  "C1'" . U  A 1 2  ? 12.031  -3.861  14.560  1.00 45.54 ? 24  U  A "C1'" 1 
ATOM   33  N  N1    . U  A 1 2  ? 11.351  -2.609  14.302  1.00 38.11 ? 24  U  A N1    1 
ATOM   34  C  C2    . U  A 1 2  ? 10.824  -1.971  15.330  1.00 34.62 ? 24  U  A C2    1 
ATOM   35  O  O2    . U  A 1 2  ? 10.776  -2.467  16.435  1.00 35.70 ? 24  U  A O2    1 
ATOM   36  N  N3    . U  A 1 2  ? 10.330  -0.740  15.032  1.00 30.87 ? 24  U  A N3    1 
ATOM   37  C  C4    . U  A 1 2  ? 10.292  -0.157  13.797  1.00 31.71 ? 24  U  A C4    1 
ATOM   38  O  O4    . U  A 1 2  ? 9.952   1.008   13.682  1.00 35.52 ? 24  U  A O4    1 
ATOM   39  C  C5    . U  A 1 2  ? 10.788  -0.949  12.770  1.00 35.91 ? 24  U  A C5    1 
ATOM   40  C  C6    . U  A 1 2  ? 11.300  -2.121  13.053  1.00 38.61 ? 24  U  A C6    1 
ATOM   41  P  P     . G  A 1 3  ? 9.184   -6.862  12.362  1.00 58.74 ? 23  G  A P     1 
ATOM   42  O  OP1   . G  A 1 3  ? 9.062   -8.345  12.267  1.00 56.64 ? 23  G  A OP1   1 
ATOM   43  O  OP2   . G  A 1 3  ? 8.845   -5.984  11.186  1.00 56.57 ? 23  G  A OP2   1 
ATOM   44  O  "O5'" . G  A 1 3  ? 8.378   -6.367  13.644  1.00 56.06 ? 23  G  A "O5'" 1 
ATOM   45  C  "C5'" . G  A 1 3  ? 8.430   -7.137  14.830  1.00 51.86 ? 23  G  A "C5'" 1 
ATOM   46  C  "C4'" . G  A 1 3  ? 7.692   -6.450  15.940  1.00 48.66 ? 23  G  A "C4'" 1 
ATOM   47  O  "O4'" . G  A 1 3  ? 8.278   -5.157  16.200  1.00 45.02 ? 23  G  A "O4'" 1 
ATOM   48  C  "C3'" . G  A 1 3  ? 6.247   -6.101  15.699  1.00 48.96 ? 23  G  A "C3'" 1 
ATOM   49  O  "O3'" . G  A 1 3  ? 5.427   -7.249  15.837  1.00 53.62 ? 23  G  A "O3'" 1 
ATOM   50  C  "C2'" . G  A 1 3  ? 6.009   -5.095  16.813  1.00 46.97 ? 23  G  A "C2'" 1 
ATOM   51  O  "O2'" . G  A 1 3  ? 5.907   -5.669  18.101  1.00 51.71 ? 23  G  A "O2'" 1 
ATOM   52  C  "C1'" . G  A 1 3  ? 7.308   -4.312  16.766  1.00 41.50 ? 23  G  A "C1'" 1 
ATOM   53  N  N9    . G  A 1 3  ? 7.172   -3.202  15.866  1.00 33.64 ? 23  G  A N9    1 
ATOM   54  C  C8    . G  A 1 3  ? 7.560   -3.179  14.561  1.00 35.11 ? 23  G  A C8    1 
ATOM   55  N  N7    . G  A 1 3  ? 7.366   -2.022  14.001  1.00 34.53 ? 23  G  A N7    1 
ATOM   56  C  C5    . G  A 1 3  ? 6.812   -1.257  15.008  1.00 28.82 ? 23  G  A C5    1 
ATOM   57  C  C6    . G  A 1 3  ? 6.423   0.085   14.999  1.00 33.12 ? 23  G  A C6    1 
ATOM   58  O  O6    . G  A 1 3  ? 6.514   0.907   14.073  1.00 35.04 ? 23  G  A O6    1 
ATOM   59  N  N1    . G  A 1 3  ? 5.896   0.469   16.218  1.00 35.60 ? 23  G  A N1    1 
ATOM   60  C  C2    . G  A 1 3  ? 5.784   -0.345  17.307  1.00 37.39 ? 23  G  A C2    1 
ATOM   61  N  N2    . G  A 1 3  ? 5.264   0.238   18.415  1.00 34.92 ? 23  G  A N2    1 
ATOM   62  N  N3    . G  A 1 3  ? 6.163   -1.623  17.321  1.00 30.84 ? 23  G  A N3    1 
ATOM   63  C  C4    . G  A 1 3  ? 6.664   -1.992  16.150  1.00 26.75 ? 23  G  A C4    1 
ATOM   64  P  P     . G  A 1 4  ? 4.036   -7.325  15.025  1.00 56.65 ? 22  G  A P     1 
ATOM   65  O  OP1   . G  A 1 4  ? 3.472   -8.647  15.418  1.00 55.16 ? 22  G  A OP1   1 
ATOM   66  O  OP2   . G  A 1 4  ? 4.249   -7.015  13.566  1.00 55.22 ? 22  G  A OP2   1 
ATOM   67  O  "O5'" . G  A 1 4  ? 3.171   -6.161  15.697  1.00 50.10 ? 22  G  A "O5'" 1 
ATOM   68  C  "C5'" . G  A 1 4  ? 2.738   -6.323  17.030  1.00 46.78 ? 22  G  A "C5'" 1 
ATOM   69  C  "C4'" . G  A 1 4  ? 2.153   -5.054  17.573  1.00 43.19 ? 22  G  A "C4'" 1 
ATOM   70  O  "O4'" . G  A 1 4  ? 3.057   -3.979  17.296  1.00 38.48 ? 22  G  A "O4'" 1 
ATOM   71  C  "C3'" . G  A 1 4  ? 0.868   -4.520  16.978  1.00 44.92 ? 22  G  A "C3'" 1 
ATOM   72  O  "O3'" . G  A 1 4  ? -0.271  -5.263  17.463  1.00 48.73 ? 22  G  A "O3'" 1 
ATOM   73  C  "C2'" . G  A 1 4  ? 0.888   -3.092  17.526  1.00 41.21 ? 22  G  A "C2'" 1 
ATOM   74  O  "O2'" . G  A 1 4  ? 0.534   -3.018  18.900  1.00 42.32 ? 22  G  A "O2'" 1 
ATOM   75  C  "C1'" . G  A 1 4  ? 2.366   -2.762  17.406  1.00 34.54 ? 22  G  A "C1'" 1 
ATOM   76  N  N9    . G  A 1 4  ? 2.669   -2.021  16.220  1.00 24.86 ? 22  G  A N9    1 
ATOM   77  C  C8    . G  A 1 4  ? 3.236   -2.523  15.096  1.00 25.50 ? 22  G  A C8    1 
ATOM   78  N  N7    . G  A 1 4  ? 3.422   -1.618  14.173  1.00 25.58 ? 22  G  A N7    1 
ATOM   79  C  C5    . G  A 1 4  ? 2.931   -0.461  14.738  1.00 20.43 ? 22  G  A C5    1 
ATOM   80  C  C6    . G  A 1 4  ? 2.857   0.818   14.210  1.00 23.89 ? 22  G  A C6    1 
ATOM   81  O  O6    . G  A 1 4  ? 3.224   1.210   13.093  1.00 28.65 ? 22  G  A O6    1 
ATOM   82  N  N1    . G  A 1 4  ? 2.293   1.704   15.104  1.00 23.55 ? 22  G  A N1    1 
ATOM   83  C  C2    . G  A 1 4  ? 1.873   1.379   16.348  1.00 26.31 ? 22  G  A C2    1 
ATOM   84  N  N2    . G  A 1 4  ? 1.388   2.377   17.048  1.00 27.36 ? 22  G  A N2    1 
ATOM   85  N  N3    . G  A 1 4  ? 1.931   0.163   16.865  1.00 25.26 ? 22  G  A N3    1 
ATOM   86  C  C4    . G  A 1 4  ? 2.469   -0.698  16.004  1.00 23.90 ? 22  G  A C4    1 
ATOM   87  P  P     . U  A 1 5  ? -1.751  -4.933  16.897  1.00 46.73 ? 21  U  A P     1 
ATOM   88  O  OP1   . U  A 1 5  ? -2.633  -4.773  18.084  1.00 48.05 ? 21  U  A OP1   1 
ATOM   89  O  OP2   . U  A 1 5  ? -2.103  -5.919  15.839  1.00 45.87 ? 21  U  A OP2   1 
ATOM   90  O  "O5'" . U  A 1 5  ? -1.624  -3.480  16.283  1.00 35.34 ? 21  U  A "O5'" 1 
ATOM   91  C  "C5'" . U  A 1 5  ? -2.770  -2.844  15.839  1.00 28.90 ? 21  U  A "C5'" 1 
ATOM   92  C  "C4'" . U  A 1 5  ? -3.143  -1.725  16.761  1.00 22.27 ? 21  U  A "C4'" 1 
ATOM   93  O  "O4'" . U  A 1 5  ? -1.993  -0.944  17.043  1.00 19.37 ? 21  U  A "O4'" 1 
ATOM   94  C  "C3'" . U  A 1 5  ? -4.090  -0.818  16.021  1.00 21.56 ? 21  U  A "C3'" 1 
ATOM   95  O  "O3'" . U  A 1 5  ? -5.403  -1.189  16.315  1.00 24.27 ? 21  U  A "O3'" 1 
ATOM   96  C  "C2'" . U  A 1 5  ? -3.645  0.580   16.357  1.00 18.28 ? 21  U  A "C2'" 1 
ATOM   97  O  "O2'" . U  A 1 5  ? -4.161  1.139   17.511  1.00 24.27 ? 21  U  A "O2'" 1 
ATOM   98  C  "C1'" . U  A 1 5  ? -2.164  0.358   16.539  1.00 18.41 ? 21  U  A "C1'" 1 
ATOM   99  N  N1    . U  A 1 5  ? -1.454  0.430   15.263  1.00 18.01 ? 21  U  A N1    1 
ATOM   100 C  C2    . U  A 1 5  ? -1.337  1.659   14.716  1.00 21.21 ? 21  U  A C2    1 
ATOM   101 O  O2    . U  A 1 5  ? -1.824  2.650   15.241  1.00 27.05 ? 21  U  A O2    1 
ATOM   102 N  N3    . U  A 1 5  ? -0.643  1.704   13.545  1.00 20.94 ? 21  U  A N3    1 
ATOM   103 C  C4    . U  A 1 5  ? -0.068  0.641   12.883  1.00 24.37 ? 21  U  A C4    1 
ATOM   104 O  O4    . U  A 1 5  ? 0.575   0.848   11.839  1.00 29.19 ? 21  U  A O4    1 
ATOM   105 C  C5    . U  A 1 5  ? -0.256  -0.624  13.517  1.00 15.78 ? 21  U  A C5    1 
ATOM   106 C  C6    . U  A 1 5  ? -0.927  -0.681  14.657  1.00 13.57 ? 21  U  A C6    1 
ATOM   107 P  P     . C  A 1 6  ? -6.338  -1.657  15.124  1.00 26.55 ? 30  C  A P     1 
ATOM   108 O  OP1   . C  A 1 6  ? -7.644  -1.919  15.723  1.00 31.93 ? 30  C  A OP1   1 
ATOM   109 O  OP2   . C  A 1 6  ? -5.705  -2.752  14.354  1.00 24.82 ? 30  C  A OP2   1 
ATOM   110 O  "O5'" . C  A 1 6  ? -6.387  -0.266  14.339  1.00 22.54 ? 30  C  A "O5'" 1 
ATOM   111 C  "C5'" . C  A 1 6  ? -6.582  0.936   15.077  1.00 14.61 ? 30  C  A "C5'" 1 
ATOM   112 C  "C4'" . C  A 1 6  ? -6.578  2.146   14.152  1.00 21.93 ? 30  C  A "C4'" 1 
ATOM   113 O  "O4'" . C  A 1 6  ? -5.216  2.598   13.910  1.00 27.27 ? 30  C  A "O4'" 1 
ATOM   114 C  "C3'" . C  A 1 6  ? -7.176  2.069   12.751  1.00 22.91 ? 30  C  A "C3'" 1 
ATOM   115 O  "O3'" . C  A 1 6  ? -8.572  2.314   12.807  1.00 20.91 ? 30  C  A "O3'" 1 
ATOM   116 C  "C2'" . C  A 1 6  ? -6.515  3.270   12.080  1.00 24.31 ? 30  C  A "C2'" 1 
ATOM   117 O  "O2'" . C  A 1 6  ? -7.034  4.483   12.594  1.00 28.22 ? 30  C  A "O2'" 1 
ATOM   118 C  "C1'" . C  A 1 6  ? -5.095  3.160   12.613  1.00 22.97 ? 30  C  A "C1'" 1 
ATOM   119 N  N1    . C  A 1 6  ? -4.285  2.243   11.826  1.00 19.83 ? 30  C  A N1    1 
ATOM   120 C  C2    . C  A 1 6  ? -3.632  2.704   10.710  1.00 24.54 ? 30  C  A C2    1 
ATOM   121 O  O2    . C  A 1 6  ? -3.728  3.890   10.440  1.00 33.46 ? 30  C  A O2    1 
ATOM   122 N  N3    . C  A 1 6  ? -2.916  1.851   9.940   1.00 20.61 ? 30  C  A N3    1 
ATOM   123 C  C4    . C  A 1 6  ? -2.868  0.566   10.274  1.00 20.81 ? 30  C  A C4    1 
ATOM   124 N  N4    . C  A 1 6  ? -2.230  -0.286  9.472   1.00 23.80 ? 30  C  A N4    1 
ATOM   125 C  C5    . C  A 1 6  ? -3.496  0.078   11.441  1.00 23.38 ? 30  C  A C5    1 
ATOM   126 C  C6    . C  A 1 6  ? -4.190  0.945   12.185  1.00 19.01 ? 30  C  A C6    1 
ATOM   127 P  P     . U  A 1 7  ? -9.541  1.583   11.777  1.00 23.31 ? 40  U  A P     1 
ATOM   128 O  OP1   . U  A 1 7  ? -10.894 2.028   12.182  1.00 25.21 ? 40  U  A OP1   1 
ATOM   129 O  OP2   . U  A 1 7  ? -9.270  0.104   11.537  1.00 15.63 ? 40  U  A OP2   1 
ATOM   130 O  "O5'" . U  A 1 7  ? -9.242  2.450   10.499  1.00 24.54 ? 40  U  A "O5'" 1 
ATOM   131 C  "C5'" . U  A 1 7  ? -9.650  3.805   10.503  1.00 27.89 ? 40  U  A "C5'" 1 
ATOM   132 C  "C4'" . U  A 1 7  ? -9.338  4.469   9.175   1.00 29.71 ? 40  U  A "C4'" 1 
ATOM   133 O  "O4'" . U  A 1 7  ? -7.902  4.680   9.053   1.00 31.48 ? 40  U  A "O4'" 1 
ATOM   134 C  "C3'" . U  A 1 7  ? -9.709  3.728   7.905   1.00 28.54 ? 40  U  A "C3'" 1 
ATOM   135 O  "O3'" . U  A 1 7  ? -11.048 3.971   7.527   1.00 26.34 ? 40  U  A "O3'" 1 
ATOM   136 C  "C2'" . U  A 1 7  ? -8.807  4.427   6.924   1.00 27.87 ? 40  U  A "C2'" 1 
ATOM   137 O  "O2'" . U  A 1 7  ? -9.362  5.736   6.827   1.00 29.19 ? 40  U  A "O2'" 1 
ATOM   138 C  "C1'" . U  A 1 7  ? -7.501  4.464   7.720   1.00 27.10 ? 40  U  A "C1'" 1 
ATOM   139 N  N1    . U  A 1 7  ? -6.745  3.208   7.700   1.00 21.97 ? 40  U  A N1    1 
ATOM   140 C  C2    . U  A 1 7  ? -5.504  3.200   7.166   1.00 20.99 ? 40  U  A C2    1 
ATOM   141 O  O2    . U  A 1 7  ? -4.965  4.218   6.808   1.00 23.86 ? 40  U  A O2    1 
ATOM   142 N  N3    . U  A 1 7  ? -4.905  1.969   7.083   1.00 11.22 ? 40  U  A N3    1 
ATOM   143 C  C4    . U  A 1 7  ? -5.420  0.789   7.516   1.00 14.47 ? 40  U  A C4    1 
ATOM   144 O  O4    . U  A 1 7  ? -4.806  -0.283  7.370   1.00 16.68 ? 40  U  A O4    1 
ATOM   145 C  C5    . U  A 1 7  ? -6.681  0.915   8.111   1.00 24.42 ? 40  U  A C5    1 
ATOM   146 C  C6    . U  A 1 7  ? -7.287  2.099   8.178   1.00 23.30 ? 40  U  A C6    1 
ATOM   147 P  P     . G  A 1 8  ? -11.860 2.801   6.822   1.00 29.68 ? 50  G  A P     1 
ATOM   148 O  OP1   . G  A 1 8  ? -13.237 3.309   6.838   1.00 31.61 ? 50  G  A OP1   1 
ATOM   149 O  OP2   . G  A 1 8  ? -11.539 1.409   7.301   1.00 24.87 ? 50  G  A OP2   1 
ATOM   150 O  "O5'" . G  A 1 8  ? -11.357 2.758   5.312   1.00 34.01 ? 50  G  A "O5'" 1 
ATOM   151 C  "C5'" . G  A 1 8  ? -11.574 1.564   4.519   1.00 32.70 ? 50  G  A "C5'" 1 
ATOM   152 C  "C4'" . G  A 1 8  ? -11.000 1.726   3.129   1.00 28.15 ? 50  G  A "C4'" 1 
ATOM   153 O  "O4'" . G  A 1 8  ? -11.531 2.919   2.542   1.00 28.81 ? 50  G  A "O4'" 1 
ATOM   154 C  "C3'" . G  A 1 8  ? -9.523  1.963   3.102   1.00 27.80 ? 50  G  A "C3'" 1 
ATOM   155 O  "O3'" . G  A 1 8  ? -8.960  0.673   3.134   1.00 27.25 ? 50  G  A "O3'" 1 
ATOM   156 C  "C2'" . G  A 1 8  ? -9.329  2.672   1.773   1.00 28.93 ? 50  G  A "C2'" 1 
ATOM   157 O  "O2'" . G  A 1 8  ? -9.427  1.786   0.676   1.00 26.62 ? 50  G  A "O2'" 1 
ATOM   158 C  "C1'" . G  A 1 8  ? -10.588 3.513   1.698   1.00 28.13 ? 50  G  A "C1'" 1 
ATOM   159 N  N9    . G  A 1 8  ? -10.554 4.895   2.094   1.00 28.64 ? 50  G  A N9    1 
ATOM   160 C  C8    . G  A 1 8  ? -11.132 5.362   3.221   1.00 33.86 ? 50  G  A C8    1 
ATOM   161 N  N7    . G  A 1 8  ? -11.096 6.658   3.319   1.00 39.66 ? 50  G  A N7    1 
ATOM   162 C  C5    . G  A 1 8  ? -10.420 7.059   2.201   1.00 38.16 ? 50  G  A C5    1 
ATOM   163 C  C6    . G  A 1 8  ? -10.080 8.333   1.803   1.00 42.94 ? 50  G  A C6    1 
ATOM   164 O  O6    . G  A 1 8  ? -10.340 9.398   2.364   1.00 46.91 ? 50  G  A O6    1 
ATOM   165 N  N1    . G  A 1 8  ? -9.368  8.327   0.622   1.00 48.09 ? 50  G  A N1    1 
ATOM   166 C  C2    . G  A 1 8  ? -9.040  7.204   -0.089  1.00 53.36 ? 50  G  A C2    1 
ATOM   167 N  N2    . G  A 1 8  ? -8.343  7.428   -1.233  1.00 61.43 ? 50  G  A N2    1 
ATOM   168 N  N3    . G  A 1 8  ? -9.367  5.962   0.286   1.00 48.30 ? 50  G  A N3    1 
ATOM   169 C  C4    . G  A 1 8  ? -10.053 5.975   1.438   1.00 38.15 ? 50  G  A C4    1 
ATOM   170 P  P     . A  A 1 9  ? -7.634  0.447   3.965   1.00 27.93 ? 60  A  A P     1 
ATOM   171 O  OP1   . A  A 1 9  ? -7.205  -0.995  3.776   1.00 15.60 ? 60  A  A OP1   1 
ATOM   172 O  OP2   . A  A 1 9  ? -7.891  0.990   5.324   1.00 26.14 ? 60  A  A OP2   1 
ATOM   173 O  "O5'" . A  A 1 9  ? -6.689  1.543   3.307   1.00 19.04 ? 60  A  A "O5'" 1 
ATOM   174 C  "C5'" . A  A 1 9  ? -6.037  1.261   2.099   1.00 16.11 ? 60  A  A "C5'" 1 
ATOM   175 C  "C4'" . A  A 1 9  ? -5.223  2.426   1.713   1.00 15.89 ? 60  A  A "C4'" 1 
ATOM   176 O  "O4'" . A  A 1 9  ? -6.077  3.562   1.711   1.00 14.17 ? 60  A  A "O4'" 1 
ATOM   177 C  "C3'" . A  A 1 9  ? -4.231  2.755   2.792   1.00 19.22 ? 60  A  A "C3'" 1 
ATOM   178 O  "O3'" . A  A 1 9  ? -3.056  2.028   2.492   1.00 14.75 ? 60  A  A "O3'" 1 
ATOM   179 C  "C2'" . A  A 1 9  ? -4.025  4.244   2.644   1.00 18.28 ? 60  A  A "C2'" 1 
ATOM   180 O  "O2'" . A  A 1 9  ? -2.950  4.450   1.800   1.00 25.30 ? 60  A  A "O2'" 1 
ATOM   181 C  "C1'" . A  A 1 9  ? -5.306  4.692   1.957   1.00 19.39 ? 60  A  A "C1'" 1 
ATOM   182 N  N9    . A  A 1 9  ? -6.118  5.578   2.735   1.00 25.13 ? 60  A  A N9    1 
ATOM   183 C  C8    . A  A 1 9  ? -6.783  5.244   3.851   1.00 33.22 ? 60  A  A C8    1 
ATOM   184 N  N7    . A  A 1 9  ? -7.457  6.237   4.369   1.00 38.67 ? 60  A  A N7    1 
ATOM   185 C  C5    . A  A 1 9  ? -7.193  7.297   3.528   1.00 36.79 ? 60  A  A C5    1 
ATOM   186 C  C6    . A  A 1 9  ? -7.587  8.647   3.546   1.00 41.92 ? 60  A  A C6    1 
ATOM   187 N  N6    . A  A 1 9  ? -8.336  9.195   4.498   1.00 48.71 ? 60  A  A N6    1 
ATOM   188 N  N1    . A  A 1 9  ? -7.175  9.435   2.546   1.00 43.18 ? 60  A  A N1    1 
ATOM   189 C  C2    . A  A 1 9  ? -6.422  8.896   1.607   1.00 42.40 ? 60  A  A C2    1 
ATOM   190 N  N3    . A  A 1 9  ? -5.972  7.647   1.495   1.00 40.90 ? 60  A  A N3    1 
ATOM   191 C  C4    . A  A 1 9  ? -6.392  6.896   2.506   1.00 31.78 ? 60  A  A C4    1 
ATOM   192 P  P     . U  A 1 10 ? -2.006  1.705   3.642   1.00 19.15 ? 70  U  A P     1 
ATOM   193 O  OP1   . U  A 1 10 ? -2.620  1.523   4.957   1.00 19.72 ? 70  U  A OP1   1 
ATOM   194 O  OP2   . U  A 1 10 ? -0.913  2.718   3.510   1.00 19.67 ? 70  U  A OP2   1 
ATOM   195 O  "O5'" . U  A 1 10 ? -1.625  0.229   3.238   1.00 10.79 ? 70  U  A "O5'" 1 
ATOM   196 C  "C5'" . U  A 1 10 ? -2.605  -0.746  3.345   1.00 11.38 ? 70  U  A "C5'" 1 
ATOM   197 C  "C4'" . U  A 1 10 ? -2.623  -1.640  2.142   1.00 15.85 ? 70  U  A "C4'" 1 
ATOM   198 O  "O4'" . U  A 1 10 ? -3.022  -0.926  0.956   1.00 16.85 ? 70  U  A "O4'" 1 
ATOM   199 C  "C3'" . U  A 1 10 ? -1.306  -2.232  1.759   1.00 19.27 ? 70  U  A "C3'" 1 
ATOM   200 O  "O3'" . U  A 1 10 ? -1.083  -3.364  2.580   1.00 24.20 ? 70  U  A "O3'" 1 
ATOM   201 C  "C2'" . U  A 1 10 ? -1.552  -2.608  0.301   1.00 15.25 ? 70  U  A "C2'" 1 
ATOM   202 O  "O2'" . U  A 1 10 ? -2.463  -3.658  0.252   1.00 20.87 ? 70  U  A "O2'" 1 
ATOM   203 C  "C1'" . U  A 1 10 ? -2.344  -1.429  -0.179  1.00 9.36  ? 70  U  A "C1'" 1 
ATOM   204 N  N1    . U  A 1 10 ? -1.562  -0.320  -0.691  1.00 7.42  ? 70  U  A N1    1 
ATOM   205 C  C2    . U  A 1 10 ? -0.845  -0.434  -1.847  1.00 13.91 ? 70  U  A C2    1 
ATOM   206 O  O2    . U  A 1 10 ? -0.736  -1.488  -2.458  1.00 19.59 ? 70  U  A O2    1 
ATOM   207 N  N3    . U  A 1 10 ? -0.250  0.738   -2.267  1.00 11.08 ? 70  U  A N3    1 
ATOM   208 C  C4    . U  A 1 10 ? -0.320  1.973   -1.626  1.00 19.48 ? 70  U  A C4    1 
ATOM   209 O  O4    . U  A 1 10 ? 0.254   2.959   -2.080  1.00 26.93 ? 70  U  A O4    1 
ATOM   210 C  C5    . U  A 1 10 ? -1.051  1.968   -0.432  1.00 20.16 ? 70  U  A C5    1 
ATOM   211 C  C6    . U  A 1 10 ? -1.616  0.843   -0.007  1.00 16.67 ? 70  U  A C6    1 
ATOM   212 P  P     . G  A 1 11 ? 0.378   -3.622  3.169   1.00 28.19 ? 80  G  A P     1 
ATOM   213 O  OP1   . G  A 1 11 ? 0.223   -4.470  4.383   1.00 28.64 ? 80  G  A OP1   1 
ATOM   214 O  OP2   . G  A 1 11 ? 1.049   -2.270  3.247   1.00 20.50 ? 80  G  A OP2   1 
ATOM   215 O  "O5'" . G  A 1 11 ? 1.082   -4.520  2.070   1.00 24.92 ? 80  G  A "O5'" 1 
ATOM   216 C  "C5'" . G  A 1 11 ? 0.662   -5.843  1.780   1.00 26.84 ? 80  G  A "C5'" 1 
ATOM   217 C  "C4'" . G  A 1 11 ? 1.514   -6.335  0.640   1.00 32.98 ? 80  G  A "C4'" 1 
ATOM   218 O  "O4'" . G  A 1 11 ? 1.204   -5.543  -0.534  1.00 33.28 ? 80  G  A "O4'" 1 
ATOM   219 C  "C3'" . G  A 1 11 ? 2.970   -6.048  0.979   1.00 37.77 ? 80  G  A "C3'" 1 
ATOM   220 O  "O3'" . G  A 1 11 ? 3.565   -7.209  1.610   1.00 47.10 ? 80  G  A "O3'" 1 
ATOM   221 C  "C2'" . G  A 1 11 ? 3.597   -5.388  -0.253  1.00 34.84 ? 80  G  A "C2'" 1 
ATOM   222 O  "O2'" . G  A 1 11 ? 4.611   -6.094  -0.942  1.00 37.48 ? 80  G  A "O2'" 1 
ATOM   223 C  "C1'" . G  A 1 11 ? 2.384   -5.106  -1.150  1.00 31.53 ? 80  G  A "C1'" 1 
ATOM   224 N  N9    . G  A 1 11 ? 2.195   -3.747  -1.640  1.00 23.58 ? 80  G  A N9    1 
ATOM   225 C  C8    . G  A 1 11 ? 2.341   -2.574  -0.949  1.00 24.86 ? 80  G  A C8    1 
ATOM   226 N  N7    . G  A 1 11 ? 2.188   -1.506  -1.701  1.00 19.94 ? 80  G  A N7    1 
ATOM   227 C  C5    . G  A 1 11 ? 1.889   -2.018  -2.949  1.00 17.37 ? 80  G  A C5    1 
ATOM   228 C  C6    . G  A 1 11 ? 1.641   -1.350  -4.147  1.00 18.94 ? 80  G  A C6    1 
ATOM   229 O  O6    . G  A 1 11 ? 1.594   -0.114  -4.328  1.00 25.24 ? 80  G  A O6    1 
ATOM   230 N  N1    . G  A 1 11 ? 1.433   -2.244  -5.213  1.00 15.06 ? 80  G  A N1    1 
ATOM   231 C  C2    . G  A 1 11 ? 1.451   -3.619  -5.094  1.00 20.65 ? 80  G  A C2    1 
ATOM   232 N  N2    . G  A 1 11 ? 1.258   -4.341  -6.212  1.00 20.03 ? 80  G  A N2    1 
ATOM   233 N  N3    . G  A 1 11 ? 1.657   -4.258  -3.944  1.00 21.72 ? 80  G  A N3    1 
ATOM   234 C  C4    . G  A 1 11 ? 1.879   -3.399  -2.926  1.00 21.38 ? 80  G  A C4    1 
ATOM   235 P  P     . A  A 1 12 ? 4.480   -8.237  0.776   1.00 49.90 ? 90  A  A P     1 
ATOM   236 O  OP1   . A  A 1 12 ? 5.867   -7.814  1.094   1.00 50.15 ? 90  A  A OP1   1 
ATOM   237 O  OP2   . A  A 1 12 ? 4.061   -8.388  -0.633  1.00 47.85 ? 90  A  A OP2   1 
ATOM   238 O  "O5'" . A  A 1 12 ? 4.157   -9.650  1.403   1.00 48.87 ? 90  A  A "O5'" 1 
ATOM   239 C  "C5'" . A  A 1 12 ? 4.758   -10.783 0.826   1.00 53.49 ? 90  A  A "C5'" 1 
ATOM   240 C  "C4'" . A  A 1 12 ? 3.740   -11.627 0.093   1.00 56.25 ? 90  A  A "C4'" 1 
ATOM   241 O  "O4'" . A  A 1 12 ? 2.909   -10.828 -0.773  1.00 55.75 ? 90  A  A "O4'" 1 
ATOM   242 C  "C3'" . A  A 1 12 ? 4.426   -12.597 -0.850  1.00 58.68 ? 90  A  A "C3'" 1 
ATOM   243 O  "O3'" . A  A 1 12 ? 4.893   -13.723 -0.152  1.00 62.48 ? 90  A  A "O3'" 1 
ATOM   244 C  "C2'" . A  A 1 12 ? 3.410   -12.869 -1.947  1.00 56.29 ? 90  A  A "C2'" 1 
ATOM   245 O  "O2'" . A  A 1 12 ? 2.543   -13.962 -1.729  1.00 56.23 ? 90  A  A "O2'" 1 
ATOM   246 C  "C1'" . A  A 1 12 ? 2.682   -11.530 -1.992  1.00 55.04 ? 90  A  A "C1'" 1 
ATOM   247 N  N9    . A  A 1 12 ? 3.172   -10.691 -3.065  1.00 52.05 ? 90  A  A N9    1 
ATOM   248 C  C8    . A  A 1 12 ? 3.604   -9.399  -2.967  1.00 53.37 ? 90  A  A C8    1 
ATOM   249 N  N7    . A  A 1 12 ? 3.878   -8.841  -4.123  1.00 53.28 ? 90  A  A N7    1 
ATOM   250 C  C5    . A  A 1 12 ? 3.631   -9.850  -5.035  1.00 49.91 ? 90  A  A C5    1 
ATOM   251 C  C6    . A  A 1 12 ? 3.714   -9.885  -6.426  1.00 48.16 ? 90  A  A C6    1 
ATOM   252 N  N6    . A  A 1 12 ? 4.018   -8.819  -7.176  1.00 48.83 ? 90  A  A N6    1 
ATOM   253 N  N1    . A  A 1 12 ? 3.458   -11.052 -7.034  1.00 48.33 ? 90  A  A N1    1 
ATOM   254 C  C2    . A  A 1 12 ? 3.105   -12.111 -6.271  1.00 54.07 ? 90  A  A C2    1 
ATOM   255 N  N3    . A  A 1 12 ? 2.958   -12.191 -4.945  1.00 52.02 ? 90  A  A N3    1 
ATOM   256 C  C4    . A  A 1 12 ? 3.240   -11.010 -4.389  1.00 51.11 ? 90  A  A C4    1 
ATOM   257 P  P     . G  A 1 13 ? 6.468   -13.909 0.004   1.00 65.74 ? 101 G  A P     1 
ATOM   258 O  OP1   . G  A 1 13 ? 6.708   -15.220 0.674   1.00 67.08 ? 101 G  A OP1   1 
ATOM   259 O  OP2   . G  A 1 13 ? 7.051   -12.629 0.572   1.00 62.26 ? 101 G  A OP2   1 
ATOM   260 O  "O5'" . G  A 1 13 ? 6.921   -13.961 -1.511  1.00 61.23 ? 101 G  A "O5'" 1 
ATOM   261 C  "C5'" . G  A 1 13 ? 6.700   -12.824 -2.301  1.00 55.98 ? 101 G  A "C5'" 1 
ATOM   262 C  "C4'" . G  A 1 13 ? 6.892   -13.145 -3.740  1.00 51.93 ? 101 G  A "C4'" 1 
ATOM   263 O  "O4'" . G  A 1 13 ? 6.091   -12.187 -4.457  1.00 49.85 ? 101 G  A "O4'" 1 
ATOM   264 C  "C3'" . G  A 1 13 ? 8.315   -12.917 -4.210  1.00 51.48 ? 101 G  A "C3'" 1 
ATOM   265 O  "O3'" . G  A 1 13 ? 9.111   -14.085 -4.210  1.00 54.33 ? 101 G  A "O3'" 1 
ATOM   266 C  "C2'" . G  A 1 13 ? 8.118   -12.380 -5.606  1.00 47.54 ? 101 G  A "C2'" 1 
ATOM   267 O  "O2'" . G  A 1 13 ? 7.855   -13.449 -6.485  1.00 47.38 ? 101 G  A "O2'" 1 
ATOM   268 C  "C1'" . G  A 1 13 ? 6.888   -11.502 -5.385  1.00 43.00 ? 101 G  A "C1'" 1 
ATOM   269 N  N9    . G  A 1 13 ? 7.156   -10.225 -4.761  1.00 32.26 ? 101 G  A N9    1 
ATOM   270 C  C8    . G  A 1 13 ? 7.104   -9.943  -3.415  1.00 32.60 ? 101 G  A C8    1 
ATOM   271 N  N7    . G  A 1 13 ? 7.338   -8.683  -3.152  1.00 32.38 ? 101 G  A N7    1 
ATOM   272 C  C5    . G  A 1 13 ? 7.567   -8.123  -4.400  1.00 26.39 ? 101 G  A C5    1 
ATOM   273 C  C6    . G  A 1 13 ? 7.887   -6.792  -4.758  1.00 29.29 ? 101 G  A C6    1 
ATOM   274 O  O6    . G  A 1 13 ? 8.055   -5.824  -4.019  1.00 30.06 ? 101 G  A O6    1 
ATOM   275 N  N1    . G  A 1 13 ? 8.030   -6.644  -6.133  1.00 28.33 ? 101 G  A N1    1 
ATOM   276 C  C2    . G  A 1 13 ? 7.896   -7.668  -7.037  1.00 32.39 ? 101 G  A C2    1 
ATOM   277 N  N2    . G  A 1 13 ? 8.050   -7.329  -8.317  1.00 36.01 ? 101 G  A N2    1 
ATOM   278 N  N3    . G  A 1 13 ? 7.623   -8.933  -6.709  1.00 25.86 ? 101 G  A N3    1 
ATOM   279 C  C4    . G  A 1 13 ? 7.468   -9.075  -5.392  1.00 26.42 ? 101 G  A C4    1 
ATOM   280 P  P     . G  A 1 14 ? 10.714  -13.937 -4.210  1.00 57.21 ? 102 G  A P     1 
ATOM   281 O  OP1   . G  A 1 14 ? 11.243  -15.232 -3.657  1.00 56.95 ? 102 G  A OP1   1 
ATOM   282 O  OP2   . G  A 1 14 ? 11.126  -12.637 -3.588  1.00 58.70 ? 102 G  A OP2   1 
ATOM   283 O  "O5'" . G  A 1 14 ? 11.055  -13.764 -5.749  1.00 51.89 ? 102 G  A "O5'" 1 
ATOM   284 C  "C5'" . G  A 1 14 ? 12.139  -12.959 -6.156  1.00 46.64 ? 102 G  A "C5'" 1 
ATOM   285 C  "C4'" . G  A 1 14 ? 11.720  -12.105 -7.306  1.00 43.79 ? 102 G  A "C4'" 1 
ATOM   286 O  "O4'" . G  A 1 14 ? 10.678  -11.234 -6.839  1.00 42.20 ? 102 G  A "O4'" 1 
ATOM   287 C  "C3'" . G  A 1 14 ? 12.790  -11.143 -7.749  1.00 45.33 ? 102 G  A "C3'" 1 
ATOM   288 O  "O3'" . G  A 1 14 ? 13.751  -11.794 -8.553  1.00 48.79 ? 102 G  A "O3'" 1 
ATOM   289 C  "C2'" . G  A 1 14 ? 12.006  -9.999  -8.383  1.00 41.15 ? 102 G  A "C2'" 1 
ATOM   290 O  "O2'" . G  A 1 14 ? 11.700  -10.095 -9.756  1.00 40.14 ? 102 G  A "O2'" 1 
ATOM   291 C  "C1'" . G  A 1 14 ? 10.773  -9.978  -7.485  1.00 37.55 ? 102 G  A "C1'" 1 
ATOM   292 N  N9    . G  A 1 14 ? 10.897  -8.980  -6.441  1.00 30.61 ? 102 G  A N9    1 
ATOM   293 C  C8    . G  A 1 14 ? 10.825  -9.176  -5.077  1.00 28.67 ? 102 G  A C8    1 
ATOM   294 N  N7    . G  A 1 14 ? 10.975  -8.065  -4.396  1.00 27.59 ? 102 G  A N7    1 
ATOM   295 C  C5    . G  A 1 14 ? 11.164  -7.094  -5.373  1.00 24.35 ? 102 G  A C5    1 
ATOM   296 C  C6    . G  A 1 14 ? 11.385  -5.712  -5.243  1.00 27.60 ? 102 G  A C6    1 
ATOM   297 O  O6    . G  A 1 14 ? 11.438  -5.043  -4.199  1.00 29.22 ? 102 G  A O6    1 
ATOM   298 N  N1    . G  A 1 14 ? 11.550  -5.098  -6.483  1.00 25.05 ? 102 G  A N1    1 
ATOM   299 C  C2    . G  A 1 14 ? 11.496  -5.757  -7.696  1.00 29.45 ? 102 G  A C2    1 
ATOM   300 N  N2    . G  A 1 14 ? 11.695  -5.007  -8.783  1.00 33.02 ? 102 G  A N2    1 
ATOM   301 N  N3    . G  A 1 14 ? 11.267  -7.053  -7.833  1.00 24.91 ? 102 G  A N3    1 
ATOM   302 C  C4    . G  A 1 14 ? 11.117  -7.650  -6.637  1.00 25.91 ? 102 G  A C4    1 
ATOM   303 P  P     . C  A 1 15 ? 15.298  -11.680 -8.151  1.00 48.67 ? 103 C  A P     1 
ATOM   304 O  OP1   . C  A 1 15 ? 15.938  -12.711 -9.008  1.00 45.86 ? 103 C  A OP1   1 
ATOM   305 O  OP2   . C  A 1 15 ? 15.442  -11.774 -6.653  1.00 46.49 ? 103 C  A OP2   1 
ATOM   306 O  "O5'" . C  A 1 15 ? 15.629  -10.226 -8.712  1.00 39.80 ? 103 C  A "O5'" 1 
ATOM   307 C  "C5'" . C  A 1 15 ? 15.633  -10.045 -10.114 1.00 37.86 ? 103 C  A "C5'" 1 
ATOM   308 C  "C4'" . C  A 1 15 ? 15.554  -8.596  -10.463 1.00 38.80 ? 103 C  A "C4'" 1 
ATOM   309 O  "O4'" . C  A 1 15 ? 14.584  -7.991  -9.583  1.00 40.69 ? 103 C  A "O4'" 1 
ATOM   310 C  "C3'" . C  A 1 15 ? 16.799  -7.783  -10.173 1.00 42.14 ? 103 C  A "C3'" 1 
ATOM   311 O  "O3'" . C  A 1 15 ? 17.831  -7.901  -11.144 1.00 44.53 ? 103 C  A "O3'" 1 
ATOM   312 C  "C2'" . C  A 1 15 ? 16.253  -6.364  -10.052 1.00 39.84 ? 103 C  A "C2'" 1 
ATOM   313 O  "O2'" . C  A 1 15 ? 16.020  -5.684  -11.260 1.00 41.69 ? 103 C  A "O2'" 1 
ATOM   314 C  "C1'" . C  A 1 15 ? 14.929  -6.627  -9.365  1.00 36.54 ? 103 C  A "C1'" 1 
ATOM   315 N  N1    . C  A 1 15 ? 15.002  -6.392  -7.931  1.00 28.70 ? 103 C  A N1    1 
ATOM   316 C  C2    . C  A 1 15 ? 15.071  -5.076  -7.470  1.00 28.47 ? 103 C  A C2    1 
ATOM   317 O  O2    . C  A 1 15 ? 15.217  -4.151  -8.309  1.00 28.48 ? 103 C  A O2    1 
ATOM   318 N  N3    . C  A 1 15 ? 14.981  -4.841  -6.134  1.00 21.30 ? 103 C  A N3    1 
ATOM   319 C  C4    . C  A 1 15 ? 14.845  -5.872  -5.294  1.00 23.69 ? 103 C  A C4    1 
ATOM   320 N  N4    . C  A 1 15 ? 14.676  -5.619  -3.996  1.00 27.51 ? 103 C  A N4    1 
ATOM   321 C  C5    . C  A 1 15 ? 14.857  -7.221  -5.743  1.00 25.22 ? 103 C  A C5    1 
ATOM   322 C  C6    . C  A 1 15 ? 14.949  -7.435  -7.057  1.00 26.65 ? 103 C  A C6    1 
ATOM   323 P  P     . C  A 1 16 ? 19.335  -8.227  -10.656 1.00 45.44 ? 104 C  A P     1 
ATOM   324 O  OP1   . C  A 1 16 ? 20.052  -8.247  -11.961 1.00 44.57 ? 104 C  A OP1   1 
ATOM   325 O  OP2   . C  A 1 16 ? 19.376  -9.421  -9.737  1.00 36.93 ? 104 C  A OP2   1 
ATOM   326 O  "O5'" . C  A 1 16 ? 19.791  -6.898  -9.903  1.00 47.08 ? 104 C  A "O5'" 1 
ATOM   327 C  "C5'" . C  A 1 16 ? 20.383  -5.826  -10.663 1.00 51.53 ? 104 C  A "C5'" 1 
ATOM   328 C  "C4'" . C  A 1 16 ? 20.022  -4.460  -10.095 1.00 53.38 ? 104 C  A "C4'" 1 
ATOM   329 O  "O4'" . C  A 1 16 ? 18.896  -4.546  -9.177  1.00 53.32 ? 104 C  A "O4'" 1 
ATOM   330 C  "C3'" . C  A 1 16 ? 21.088  -3.741  -9.277  1.00 55.12 ? 104 C  A "C3'" 1 
ATOM   331 O  "O3'" . C  A 1 16 ? 22.225  -3.258  -10.046 1.00 56.73 ? 104 C  A "O3'" 1 
ATOM   332 C  "C2'" . C  A 1 16 ? 20.255  -2.711  -8.488  1.00 53.81 ? 104 C  A "C2'" 1 
ATOM   333 O  "O2'" . C  A 1 16 ? 19.872  -1.558  -9.239  1.00 55.64 ? 104 C  A "O2'" 1 
ATOM   334 C  "C1'" . C  A 1 16 ? 18.982  -3.509  -8.205  1.00 48.85 ? 104 C  A "C1'" 1 
ATOM   335 N  N1    . C  A 1 16 ? 18.811  -4.114  -6.871  1.00 40.07 ? 104 C  A N1    1 
ATOM   336 C  C2    . C  A 1 16 ? 18.663  -3.296  -5.758  1.00 36.17 ? 104 C  A C2    1 
ATOM   337 O  O2    . C  A 1 16 ? 18.790  -2.069  -5.902  1.00 37.13 ? 104 C  A O2    1 
ATOM   338 N  N3    . C  A 1 16 ? 18.375  -3.865  -4.552  1.00 29.42 ? 104 C  A N3    1 
ATOM   339 C  C4    . C  A 1 16 ? 18.241  -5.198  -4.463  1.00 30.68 ? 104 C  A C4    1 
ATOM   340 N  N4    . C  A 1 16 ? 17.883  -5.740  -3.295  1.00 29.13 ? 104 C  A N4    1 
ATOM   341 C  C5    . C  A 1 16 ? 18.450  -6.045  -5.573  1.00 33.26 ? 104 C  A C5    1 
ATOM   342 C  C6    . C  A 1 16 ? 18.741  -5.471  -6.745  1.00 38.60 ? 104 C  A C6    1 
ATOM   343 O  "O5'" . G  B 2 1  ? 14.851  0.608   4.063   1.00 59.70 ? 114 G  B "O5'" 1 
ATOM   344 C  "C5'" . G  B 2 1  ? 15.340  1.953   4.276   1.00 55.48 ? 114 G  B "C5'" 1 
ATOM   345 C  "C4'" . G  B 2 1  ? 16.094  2.522   3.094   1.00 51.65 ? 114 G  B "C4'" 1 
ATOM   346 O  "O4'" . G  B 2 1  ? 17.231  1.677   2.815   1.00 51.28 ? 114 G  B "O4'" 1 
ATOM   347 C  "C3'" . G  B 2 1  ? 15.308  2.550   1.802   1.00 49.36 ? 114 G  B "C3'" 1 
ATOM   348 O  "O3'" . G  B 2 1  ? 14.639  3.768   1.657   1.00 50.97 ? 114 G  B "O3'" 1 
ATOM   349 C  "C2'" . G  B 2 1  ? 16.376  2.445   0.735   1.00 47.54 ? 114 G  B "C2'" 1 
ATOM   350 O  "O2'" . G  B 2 1  ? 16.935  3.705   0.432   1.00 45.28 ? 114 G  B "O2'" 1 
ATOM   351 C  "C1'" . G  B 2 1  ? 17.367  1.507   1.419   1.00 46.37 ? 114 G  B "C1'" 1 
ATOM   352 N  N9    . G  B 2 1  ? 17.101  0.104   1.138   1.00 40.95 ? 114 G  B N9    1 
ATOM   353 C  C8    . G  B 2 1  ? 16.633  -0.853  2.007   1.00 35.20 ? 114 G  B C8    1 
ATOM   354 N  N7    . G  B 2 1  ? 16.530  -2.028  1.457   1.00 36.99 ? 114 G  B N7    1 
ATOM   355 C  C5    . G  B 2 1  ? 16.942  -1.819  0.145   1.00 37.52 ? 114 G  B C5    1 
ATOM   356 C  C6    . G  B 2 1  ? 17.029  -2.708  -0.925  1.00 39.47 ? 114 G  B C6    1 
ATOM   357 O  O6    . G  B 2 1  ? 16.740  -3.898  -0.940  1.00 47.09 ? 114 G  B O6    1 
ATOM   358 N  N1    . G  B 2 1  ? 17.504  -2.091  -2.076  1.00 36.86 ? 114 G  B N1    1 
ATOM   359 C  C2    . G  B 2 1  ? 17.840  -0.769  -2.172  1.00 37.45 ? 114 G  B C2    1 
ATOM   360 N  N2    . G  B 2 1  ? 18.313  -0.348  -3.357  1.00 35.53 ? 114 G  B N2    1 
ATOM   361 N  N3    . G  B 2 1  ? 17.735  0.082   -1.178  1.00 36.13 ? 114 G  B N3    1 
ATOM   362 C  C4    . G  B 2 1  ? 17.290  -0.511  -0.058  1.00 37.09 ? 114 G  B C4    1 
ATOM   363 P  P     . G  B 2 2  ? 13.370  3.813   0.718   1.00 53.41 ? 113 G  B P     1 
ATOM   364 O  OP1   . G  B 2 2  ? 12.725  5.134   0.945   1.00 50.75 ? 113 G  B OP1   1 
ATOM   365 O  OP2   . G  B 2 2  ? 12.641  2.540   1.025   1.00 53.02 ? 113 G  B OP2   1 
ATOM   366 O  "O5'" . G  B 2 2  ? 13.966  3.673   -0.752  1.00 52.14 ? 113 G  B "O5'" 1 
ATOM   367 C  "C5'" . G  B 2 2  ? 14.499  4.799   -1.435  1.00 53.09 ? 113 G  B "C5'" 1 
ATOM   368 C  "C4'" . G  B 2 2  ? 14.864  4.433   -2.867  1.00 53.19 ? 113 G  B "C4'" 1 
ATOM   369 O  "O4'" . G  B 2 2  ? 15.830  3.347   -2.853  1.00 52.75 ? 113 G  B "O4'" 1 
ATOM   370 C  "C3'" . G  B 2 2  ? 13.764  3.879   -3.751  1.00 53.34 ? 113 G  B "C3'" 1 
ATOM   371 O  "O3'" . G  B 2 2  ? 12.959  4.899   -4.313  1.00 57.26 ? 113 G  B "O3'" 1 
ATOM   372 C  "C2'" . G  B 2 2  ? 14.562  3.168   -4.831  1.00 48.99 ? 113 G  B "C2'" 1 
ATOM   373 O  "O2'" . G  B 2 2  ? 15.176  4.072   -5.717  1.00 49.46 ? 113 G  B "O2'" 1 
ATOM   374 C  "C1'" . G  B 2 2  ? 15.634  2.515   -3.984  1.00 45.78 ? 113 G  B "C1'" 1 
ATOM   375 N  N9    . G  B 2 2  ? 15.225  1.219   -3.485  1.00 37.98 ? 113 G  B N9    1 
ATOM   376 C  C8    . G  B 2 2  ? 14.827  0.920   -2.209  1.00 36.64 ? 113 G  B C8    1 
ATOM   377 N  N7    . G  B 2 2  ? 14.567  -0.350  -2.043  1.00 33.67 ? 113 G  B N7    1 
ATOM   378 C  C5    . G  B 2 2  ? 14.791  -0.905  -3.285  1.00 28.33 ? 113 G  B C5    1 
ATOM   379 C  C6    . G  B 2 2  ? 14.663  -2.213  -3.692  1.00 31.18 ? 113 G  B C6    1 
ATOM   380 O  O6    . G  B 2 2  ? 14.311  -3.191  -3.009  1.00 33.22 ? 113 G  B O6    1 
ATOM   381 N  N1    . G  B 2 2  ? 14.987  -2.364  -5.041  1.00 31.24 ? 113 G  B N1    1 
ATOM   382 C  C2    . G  B 2 2  ? 15.396  -1.341  -5.874  1.00 34.20 ? 113 G  B C2    1 
ATOM   383 N  N2    . G  B 2 2  ? 15.714  -1.676  -7.144  1.00 33.16 ? 113 G  B N2    1 
ATOM   384 N  N3    . G  B 2 2  ? 15.500  -0.084  -5.487  1.00 31.92 ? 113 G  B N3    1 
ATOM   385 C  C4    . G  B 2 2  ? 15.189  0.054   -4.188  1.00 31.79 ? 113 G  B C4    1 
ATOM   386 P  P     . C  B 2 3  ? 11.484  4.530   -4.834  1.00 57.53 ? 112 C  B P     1 
ATOM   387 O  OP1   . C  B 2 3  ? 10.998  5.790   -5.466  1.00 57.04 ? 112 C  B OP1   1 
ATOM   388 O  OP2   . C  B 2 3  ? 10.735  3.902   -3.698  1.00 54.31 ? 112 C  B OP2   1 
ATOM   389 O  "O5'" . C  B 2 3  ? 11.739  3.481   -6.013  1.00 53.93 ? 112 C  B "O5'" 1 
ATOM   390 C  "C5'" . C  B 2 3  ? 12.288  3.939   -7.250  1.00 51.22 ? 112 C  B "C5'" 1 
ATOM   391 C  "C4'" . C  B 2 3  ? 12.265  2.844   -8.281  1.00 49.31 ? 112 C  B "C4'" 1 
ATOM   392 O  "O4'" . C  B 2 3  ? 13.163  1.784   -7.870  1.00 46.86 ? 112 C  B "O4'" 1 
ATOM   393 C  "C3'" . C  B 2 3  ? 10.946  2.113   -8.469  1.00 50.62 ? 112 C  B "C3'" 1 
ATOM   394 O  "O3'" . C  B 2 3  ? 10.048  2.829   -9.315  1.00 53.95 ? 112 C  B "O3'" 1 
ATOM   395 C  "C2'" . C  B 2 3  ? 11.408  0.815   -9.116  1.00 45.42 ? 112 C  B "C2'" 1 
ATOM   396 O  "O2'" . C  B 2 3  ? 11.802  0.983   -10.462 1.00 45.70 ? 112 C  B "O2'" 1 
ATOM   397 C  "C1'" . C  B 2 3  ? 12.653  0.538   -8.300  1.00 40.29 ? 112 C  B "C1'" 1 
ATOM   398 N  N1    . C  B 2 3  ? 12.289  -0.204  -7.126  1.00 28.38 ? 112 C  B N1    1 
ATOM   399 C  C2    . C  B 2 3  ? 12.147  -1.556  -7.243  1.00 31.10 ? 112 C  B C2    1 
ATOM   400 O  O2    . C  B 2 3  ? 12.261  -2.056  -8.368  1.00 34.69 ? 112 C  B O2    1 
ATOM   401 N  N3    . C  B 2 3  ? 11.871  -2.304  -6.152  1.00 26.89 ? 112 C  B N3    1 
ATOM   402 C  C4    . C  B 2 3  ? 11.700  -1.698  -4.989  1.00 27.33 ? 112 C  B C4    1 
ATOM   403 N  N4    . C  B 2 3  ? 11.429  -2.450  -3.934  1.00 30.35 ? 112 C  B N4    1 
ATOM   404 C  C5    . C  B 2 3  ? 11.800  -0.284  -4.853  1.00 27.59 ? 112 C  B C5    1 
ATOM   405 C  C6    . C  B 2 3  ? 12.099  0.417   -5.942  1.00 24.39 ? 112 C  B C6    1 
ATOM   406 P  P     . C  B 2 4  ? 8.525   2.326   -9.442  1.00 54.18 ? 111 C  B P     1 
ATOM   407 O  OP1   . C  B 2 4  ? 8.018   3.149   -10.588 1.00 54.78 ? 111 C  B OP1   1 
ATOM   408 O  OP2   . C  B 2 4  ? 7.840   2.350   -8.114  1.00 51.63 ? 111 C  B OP2   1 
ATOM   409 O  "O5'" . C  B 2 4  ? 8.611   0.808   -9.904  1.00 46.22 ? 111 C  B "O5'" 1 
ATOM   410 C  "C5'" . C  B 2 4  ? 8.413   0.487   -11.266 1.00 40.79 ? 111 C  B "C5'" 1 
ATOM   411 C  "C4'" . C  B 2 4  ? 8.550   -0.989  -11.463 1.00 38.61 ? 111 C  B "C4'" 1 
ATOM   412 O  "O4'" . C  B 2 4  ? 9.372   -1.489  -10.391 1.00 37.08 ? 111 C  B "O4'" 1 
ATOM   413 C  "C3'" . C  B 2 4  ? 7.291   -1.797  -11.267 1.00 39.37 ? 111 C  B "C3'" 1 
ATOM   414 O  "O3'" . C  B 2 4  ? 6.389   -1.687  -12.360 1.00 42.03 ? 111 C  B "O3'" 1 
ATOM   415 C  "C2'" . C  B 2 4  ? 7.842   -3.186  -10.987 1.00 35.65 ? 111 C  B "C2'" 1 
ATOM   416 O  "O2'" . C  B 2 4  ? 8.222   -3.926  -12.118 1.00 36.08 ? 111 C  B "O2'" 1 
ATOM   417 C  "C1'" . C  B 2 4  ? 9.063   -2.838  -10.150 1.00 31.84 ? 111 C  B "C1'" 1 
ATOM   418 N  N1    . C  B 2 4  ? 8.782   -2.934  -8.748  1.00 23.67 ? 111 C  B N1    1 
ATOM   419 C  C2    . C  B 2 4  ? 8.568   -4.195  -8.205  1.00 25.15 ? 111 C  B C2    1 
ATOM   420 O  O2    . C  B 2 4  ? 8.615   -5.168  -8.964  1.00 23.08 ? 111 C  B O2    1 
ATOM   421 N  N3    . C  B 2 4  ? 8.317   -4.323  -6.872  1.00 23.17 ? 111 C  B N3    1 
ATOM   422 C  C4    . C  B 2 4  ? 8.269   -3.215  -6.113  1.00 26.75 ? 111 C  B C4    1 
ATOM   423 N  N4    . C  B 2 4  ? 8.025   -3.352  -4.830  1.00 26.39 ? 111 C  B N4    1 
ATOM   424 C  C5    . C  B 2 4  ? 8.477   -1.899  -6.661  1.00 26.31 ? 111 C  B C5    1 
ATOM   425 C  C6    . C  B 2 4  ? 8.729   -1.811  -7.976  1.00 22.57 ? 111 C  B C6    1 
ATOM   426 P  P     . G  B 2 5  ? 4.864   -1.279  -12.059 1.00 39.85 ? 120 G  B P     1 
ATOM   427 O  OP1   . G  B 2 5  ? 4.202   -1.220  -13.383 1.00 42.43 ? 120 G  B OP1   1 
ATOM   428 O  OP2   . G  B 2 5  ? 4.794   -0.077  -11.173 1.00 40.33 ? 120 G  B OP2   1 
ATOM   429 O  "O5'" . G  B 2 5  ? 4.382   -2.581  -11.309 1.00 30.01 ? 120 G  B "O5'" 1 
ATOM   430 C  "C5'" . G  B 2 5  ? 4.495   -3.792  -11.985 1.00 29.28 ? 120 G  B "C5'" 1 
ATOM   431 C  "C4'" . G  B 2 5  ? 4.354   -4.897  -11.025 1.00 34.03 ? 120 G  B "C4'" 1 
ATOM   432 O  "O4'" . G  B 2 5  ? 5.280   -4.597  -9.967  1.00 36.79 ? 120 G  B "O4'" 1 
ATOM   433 C  "C3'" . G  B 2 5  ? 3.047   -4.958  -10.267 1.00 37.55 ? 120 G  B "C3'" 1 
ATOM   434 O  "O3'" . G  B 2 5  ? 2.035   -5.595  -11.036 1.00 43.76 ? 120 G  B "O3'" 1 
ATOM   435 C  "C2'" . G  B 2 5  ? 3.468   -5.785  -9.059  1.00 36.68 ? 120 G  B "C2'" 1 
ATOM   436 O  "O2'" . G  B 2 5  ? 3.730   -7.148  -9.407  1.00 35.75 ? 120 G  B "O2'" 1 
ATOM   437 C  "C1'" . G  B 2 5  ? 4.792   -5.105  -8.736  1.00 32.07 ? 120 G  B "C1'" 1 
ATOM   438 N  N9    . G  B 2 5  ? 4.798   -4.010  -7.764  1.00 23.54 ? 120 G  B N9    1 
ATOM   439 C  C8    . G  B 2 5  ? 4.841   -2.654  -8.008  1.00 22.75 ? 120 G  B C8    1 
ATOM   440 N  N7    . G  B 2 5  ? 4.985   -1.943  -6.912  1.00 18.28 ? 120 G  B N7    1 
ATOM   441 C  C5    . G  B 2 5  ? 4.996   -2.892  -5.907  1.00 15.98 ? 120 G  B C5    1 
ATOM   442 C  C6    . G  B 2 5  ? 5.129   -2.719  -4.540  1.00 23.70 ? 120 G  B C6    1 
ATOM   443 O  O6    . G  B 2 5  ? 5.300   -1.636  -3.920  1.00 32.01 ? 120 G  B O6    1 
ATOM   444 N  N1    . G  B 2 5  ? 5.069   -3.947  -3.855  1.00 19.00 ? 120 G  B N1    1 
ATOM   445 C  C2    . G  B 2 5  ? 4.923   -5.185  -4.473  1.00 21.63 ? 120 G  B C2    1 
ATOM   446 N  N2    . G  B 2 5  ? 4.892   -6.301  -3.684  1.00 16.76 ? 120 G  B N2    1 
ATOM   447 N  N3    . G  B 2 5  ? 4.816   -5.332  -5.777  1.00 19.25 ? 120 G  B N3    1 
ATOM   448 C  C4    . G  B 2 5  ? 4.854   -4.159  -6.418  1.00 15.47 ? 120 G  B C4    1 
ATOM   449 P  P     . A  B 2 6  ? 0.491   -5.462  -10.597 1.00 44.66 ? 130 A  B P     1 
ATOM   450 O  OP1   . A  B 2 6  ? -0.191  -5.205  -11.895 1.00 44.28 ? 130 A  B OP1   1 
ATOM   451 O  OP2   . A  B 2 6  ? 0.353   -4.444  -9.496  1.00 45.01 ? 130 A  B OP2   1 
ATOM   452 O  "O5'" . A  B 2 6  ? 0.198   -6.951  -10.104 1.00 36.26 ? 130 A  B "O5'" 1 
ATOM   453 C  "C5'" . A  B 2 6  ? 0.356   -7.993  -11.024 1.00 37.37 ? 130 A  B "C5'" 1 
ATOM   454 C  "C4'" . A  B 2 6  ? -0.140  -9.275  -10.453 1.00 42.92 ? 130 A  B "C4'" 1 
ATOM   455 O  "O4'" . A  B 2 6  ? 0.867   -9.856  -9.595  1.00 44.17 ? 130 A  B "O4'" 1 
ATOM   456 C  "C3'" . A  B 2 6  ? -1.390  -9.159  -9.617  1.00 46.94 ? 130 A  B "C3'" 1 
ATOM   457 O  "O3'" . A  B 2 6  ? -2.540  -9.248  -10.447 1.00 50.23 ? 130 A  B "O3'" 1 
ATOM   458 C  "C2'" . A  B 2 6  ? -1.240  -10.364 -8.706  1.00 48.09 ? 130 A  B "C2'" 1 
ATOM   459 O  "O2'" . A  B 2 6  ? -1.626  -11.541 -9.388  1.00 50.33 ? 130 A  B "O2'" 1 
ATOM   460 C  "C1'" . A  B 2 6  ? 0.268   -10.310 -8.402  1.00 45.32 ? 130 A  B "C1'" 1 
ATOM   461 N  N9    . A  B 2 6  ? 0.595   -9.312  -7.371  1.00 44.53 ? 130 A  B N9    1 
ATOM   462 C  C8    . A  B 2 6  ? 1.096   -8.030  -7.568  1.00 44.89 ? 130 A  B C8    1 
ATOM   463 N  N7    . A  B 2 6  ? 1.174   -7.316  -6.461  1.00 40.40 ? 130 A  B N7    1 
ATOM   464 C  C5    . A  B 2 6  ? 0.706   -8.184  -5.480  1.00 39.12 ? 130 A  B C5    1 
ATOM   465 C  C6    . A  B 2 6  ? 0.493   -8.018  -4.117  1.00 39.95 ? 130 A  B C6    1 
ATOM   466 N  N6    . A  B 2 6  ? 0.714   -6.865  -3.468  1.00 40.08 ? 130 A  B N6    1 
ATOM   467 N  N1    . A  B 2 6  ? 0.034   -9.080  -3.419  1.00 38.97 ? 130 A  B N1    1 
ATOM   468 C  C2    . A  B 2 6  ? -0.196  -10.225 -4.068  1.00 40.33 ? 130 A  B C2    1 
ATOM   469 N  N3    . A  B 2 6  ? -0.053  -10.502 -5.355  1.00 40.90 ? 130 A  B N3    1 
ATOM   470 C  C4    . A  B 2 6  ? 0.398   -9.426  -6.017  1.00 40.06 ? 130 A  B C4    1 
ATOM   471 P  P     . A  B 2 7  ? -3.840  -8.351  -10.128 1.00 54.53 ? 140 A  B P     1 
ATOM   472 O  OP1   . A  B 2 7  ? -4.847  -8.888  -11.088 1.00 57.95 ? 140 A  B OP1   1 
ATOM   473 O  OP2   . A  B 2 7  ? -3.600  -6.873  -10.091 1.00 51.01 ? 140 A  B OP2   1 
ATOM   474 O  "O5'" . A  B 2 7  ? -4.232  -8.825  -8.653  1.00 53.57 ? 140 A  B "O5'" 1 
ATOM   475 C  "C5'" . A  B 2 7  ? -4.408  -10.209 -8.332  1.00 51.13 ? 140 A  B "C5'" 1 
ATOM   476 C  "C4'" . A  B 2 7  ? -4.666  -10.367 -6.841  1.00 51.38 ? 140 A  B "C4'" 1 
ATOM   477 O  "O4'" . A  B 2 7  ? -3.408  -10.251 -6.110  1.00 50.93 ? 140 A  B "O4'" 1 
ATOM   478 C  "C3'" . A  B 2 7  ? -5.608  -9.355  -6.187  1.00 50.59 ? 140 A  B "C3'" 1 
ATOM   479 O  "O3'" . A  B 2 7  ? -6.988  -9.731  -6.338  1.00 50.77 ? 140 A  B "O3'" 1 
ATOM   480 C  "C2'" . A  B 2 7  ? -5.125  -9.383  -4.733  1.00 50.35 ? 140 A  B "C2'" 1 
ATOM   481 O  "O2'" . A  B 2 7  ? -5.574  -10.475 -3.959  1.00 52.17 ? 140 A  B "O2'" 1 
ATOM   482 C  "C1'" . A  B 2 7  ? -3.610  -9.518  -4.916  1.00 48.82 ? 140 A  B "C1'" 1 
ATOM   483 N  N9    . A  B 2 7  ? -3.056  -8.186  -5.106  1.00 45.30 ? 140 A  B N9    1 
ATOM   484 C  C8    . A  B 2 7  ? -2.791  -7.571  -6.296  1.00 45.86 ? 140 A  B C8    1 
ATOM   485 N  N7    . A  B 2 7  ? -2.501  -6.295  -6.175  1.00 48.07 ? 140 A  B N7    1 
ATOM   486 C  C5    . A  B 2 7  ? -2.524  -6.078  -4.803  1.00 42.22 ? 140 A  B C5    1 
ATOM   487 C  C6    . A  B 2 7  ? -2.322  -4.933  -4.029  1.00 37.88 ? 140 A  B C6    1 
ATOM   488 N  N6    . A  B 2 7  ? -2.058  -3.728  -4.540  1.00 40.22 ? 140 A  B N6    1 
ATOM   489 N  N1    . A  B 2 7  ? -2.409  -5.057  -2.696  1.00 36.74 ? 140 A  B N1    1 
ATOM   490 C  C2    . A  B 2 7  ? -2.687  -6.248  -2.181  1.00 37.06 ? 140 A  B C2    1 
ATOM   491 N  N3    . A  B 2 7  ? -2.912  -7.396  -2.800  1.00 43.15 ? 140 A  B N3    1 
ATOM   492 C  C4    . A  B 2 7  ? -2.816  -7.244  -4.132  1.00 43.90 ? 140 A  B C4    1 
ATOM   493 P  P     . A  B 2 8  ? -8.132  -8.603  -6.608  1.00 51.74 ? 151 A  B P     1 
ATOM   494 O  OP1   . A  B 2 8  ? -9.273  -9.411  -7.106  1.00 53.88 ? 151 A  B OP1   1 
ATOM   495 O  OP2   . A  B 2 8  ? -7.691  -7.412  -7.381  1.00 50.36 ? 151 A  B OP2   1 
ATOM   496 O  "O5'" . A  B 2 8  ? -8.491  -8.056  -5.162  1.00 49.16 ? 151 A  B "O5'" 1 
ATOM   497 C  "C5'" . A  B 2 8  ? -8.490  -8.924  -4.034  1.00 43.42 ? 151 A  B "C5'" 1 
ATOM   498 C  "C4'" . A  B 2 8  ? -8.500  -8.117  -2.762  1.00 38.71 ? 151 A  B "C4'" 1 
ATOM   499 O  "O4'" . A  B 2 8  ? -7.166  -7.651  -2.478  1.00 36.16 ? 151 A  B "O4'" 1 
ATOM   500 C  "C3'" . A  B 2 8  ? -9.332  -6.850  -2.835  1.00 37.86 ? 151 A  B "C3'" 1 
ATOM   501 O  "O3'" . A  B 2 8  ? -10.702 -7.152  -2.609  1.00 35.14 ? 151 A  B "O3'" 1 
ATOM   502 C  "C2'" . A  B 2 8  ? -8.709  -5.981  -1.749  1.00 34.73 ? 151 A  B "C2'" 1 
ATOM   503 O  "O2'" . A  B 2 8  ? -9.187  -6.340  -0.484  1.00 35.91 ? 151 A  B "O2'" 1 
ATOM   504 C  "C1'" . A  B 2 8  ? -7.236  -6.382  -1.847  1.00 34.76 ? 151 A  B "C1'" 1 
ATOM   505 N  N9    . A  B 2 8  ? -6.449  -5.453  -2.642  1.00 30.91 ? 151 A  B N9    1 
ATOM   506 C  C8    . A  B 2 8  ? -5.991  -5.635  -3.911  1.00 29.37 ? 151 A  B C8    1 
ATOM   507 N  N7    . A  B 2 8  ? -5.401  -4.579  -4.408  1.00 28.95 ? 151 A  B N7    1 
ATOM   508 C  C5    . A  B 2 8  ? -5.459  -3.655  -3.384  1.00 24.81 ? 151 A  B C5    1 
ATOM   509 C  C6    . A  B 2 8  ? -5.044  -2.319  -3.300  1.00 28.79 ? 151 A  B C6    1 
ATOM   510 N  N6    . A  B 2 8  ? -4.467  -1.655  -4.316  1.00 30.08 ? 151 A  B N6    1 
ATOM   511 N  N1    . A  B 2 8  ? -5.245  -1.668  -2.128  1.00 28.73 ? 151 A  B N1    1 
ATOM   512 C  C2    . A  B 2 8  ? -5.817  -2.337  -1.134  1.00 27.70 ? 151 A  B C2    1 
ATOM   513 N  N3    . A  B 2 8  ? -6.267  -3.599  -1.106  1.00 27.97 ? 151 A  B N3    1 
ATOM   514 C  C4    . A  B 2 8  ? -6.061  -4.195  -2.279  1.00 25.55 ? 151 A  B C4    1 
ATOM   515 P  P     . C  B 2 9  ? -11.779 -5.965  -2.606  1.00 33.78 ? 152 C  B P     1 
ATOM   516 O  OP1   . C  B 2 9  ? -12.971 -6.641  -2.077  1.00 36.54 ? 152 C  B OP1   1 
ATOM   517 O  OP2   . C  B 2 9  ? -11.869 -5.222  -3.886  1.00 33.84 ? 152 C  B OP2   1 
ATOM   518 O  "O5'" . C  B 2 9  ? -11.233 -4.938  -1.546  1.00 25.04 ? 152 C  B "O5'" 1 
ATOM   519 C  "C5'" . C  B 2 9  ? -11.997 -3.837  -1.216  1.00 18.41 ? 152 C  B "C5'" 1 
ATOM   520 C  "C4'" . C  B 2 9  ? -11.158 -2.881  -0.465  1.00 19.75 ? 152 C  B "C4'" 1 
ATOM   521 O  "O4'" . C  B 2 9  ? -9.764  -3.100  -0.771  1.00 18.69 ? 152 C  B "O4'" 1 
ATOM   522 C  "C3'" . C  B 2 9  ? -11.421 -1.504  -0.982  1.00 22.66 ? 152 C  B "C3'" 1 
ATOM   523 O  "O3'" . C  B 2 9  ? -12.529 -1.030  -0.299  1.00 27.09 ? 152 C  B "O3'" 1 
ATOM   524 C  "C2'" . C  B 2 9  ? -10.149 -0.767  -0.659  1.00 20.88 ? 152 C  B "C2'" 1 
ATOM   525 O  "O2'" . C  B 2 9  ? -10.082 -0.367  0.682   1.00 25.93 ? 152 C  B "O2'" 1 
ATOM   526 C  "C1'" . C  B 2 9  ? -9.133  -1.849  -0.956  1.00 19.79 ? 152 C  B "C1'" 1 
ATOM   527 N  N1    . C  B 2 9  ? -8.660  -1.763  -2.339  1.00 23.11 ? 152 C  B N1    1 
ATOM   528 C  C2    . C  B 2 9  ? -8.185  -0.539  -2.816  1.00 25.56 ? 152 C  B C2    1 
ATOM   529 O  O2    . C  B 2 9  ? -8.232  0.451   -2.078  1.00 30.83 ? 152 C  B O2    1 
ATOM   530 N  N3    . C  B 2 9  ? -7.676  -0.463  -4.065  1.00 23.29 ? 152 C  B N3    1 
ATOM   531 C  C4    . C  B 2 9  ? -7.612  -1.555  -4.821  1.00 27.13 ? 152 C  B C4    1 
ATOM   532 N  N4    . C  B 2 9  ? -7.023  -1.453  -6.009  1.00 32.93 ? 152 C  B N4    1 
ATOM   533 C  C5    . C  B 2 9  ? -8.126  -2.809  -4.385  1.00 25.91 ? 152 C  B C5    1 
ATOM   534 C  C6    . C  B 2 9  ? -8.645  -2.868  -3.144  1.00 27.43 ? 152 C  B C6    1 
ATOM   535 P  P     . U  B 2 10 ? -13.888 -0.822  -1.091  1.00 30.88 ? 153 U  B P     1 
ATOM   536 O  OP1   . U  B 2 10 ? -14.925 -0.695  -0.048  1.00 30.17 ? 153 U  B OP1   1 
ATOM   537 O  OP2   . U  B 2 10 ? -14.023 -1.864  -2.165  1.00 28.30 ? 153 U  B OP2   1 
ATOM   538 O  "O5'" . U  B 2 10 ? -13.725 0.665   -1.580  1.00 23.58 ? 153 U  B "O5'" 1 
ATOM   539 C  "C5'" . U  B 2 10 ? -13.782 1.639   -0.593  1.00 21.18 ? 153 U  B "C5'" 1 
ATOM   540 C  "C4'" . U  B 2 10 ? -13.063 2.836   -1.043  1.00 24.02 ? 153 U  B "C4'" 1 
ATOM   541 O  "O4'" . U  B 2 10 ? -11.754 2.444   -1.467  1.00 26.48 ? 153 U  B "O4'" 1 
ATOM   542 C  "C3'" . U  B 2 10 ? -13.579 3.358   -2.332  1.00 25.74 ? 153 U  B "C3'" 1 
ATOM   543 O  "O3'" . U  B 2 10 ? -14.740 4.039   -2.071  1.00 29.43 ? 153 U  B "O3'" 1 
ATOM   544 C  "C2'" . U  B 2 10 ? -12.452 4.263   -2.749  1.00 23.39 ? 153 U  B "C2'" 1 
ATOM   545 O  "O2'" . U  B 2 10 ? -12.372 5.373   -1.858  1.00 24.26 ? 153 U  B "O2'" 1 
ATOM   546 C  "C1'" . U  B 2 10 ? -11.312 3.308   -2.504  1.00 20.43 ? 153 U  B "C1'" 1 
ATOM   547 N  N1    . U  B 2 10 ? -11.021 2.440   -3.629  1.00 12.09 ? 153 U  B N1    1 
ATOM   548 C  C2    . U  B 2 10 ? -10.294 2.938   -4.667  1.00 16.57 ? 153 U  B C2    1 
ATOM   549 O  O2    . U  B 2 10 ? -9.920  4.102   -4.703  1.00 22.11 ? 153 U  B O2    1 
ATOM   550 N  N3    . U  B 2 10 ? -9.998  2.034   -5.653  1.00 11.85 ? 153 U  B N3    1 
ATOM   551 C  C4    . U  B 2 10 ? -10.347 0.698   -5.661  1.00 18.49 ? 153 U  B C4    1 
ATOM   552 O  O4    . U  B 2 10 ? -9.887  -0.053  -6.522  1.00 26.18 ? 153 U  B O4    1 
ATOM   553 C  C5    . U  B 2 10 ? -11.118 0.284   -4.544  1.00 18.14 ? 153 U  B C5    1 
ATOM   554 C  C6    . U  B 2 10 ? -11.433 1.162   -3.595  1.00 13.23 ? 153 U  B C6    1 
ATOM   555 P  P     . C  B 2 11 ? -15.894 3.937   -3.131  1.00 30.17 ? 154 C  B P     1 
ATOM   556 O  OP1   . C  B 2 11 ? -16.932 4.699   -2.392  1.00 29.60 ? 154 C  B OP1   1 
ATOM   557 O  OP2   . C  B 2 11 ? -16.071 2.487   -3.535  1.00 19.98 ? 154 C  B OP2   1 
ATOM   558 O  "O5'" . C  B 2 11 ? -15.362 4.866   -4.306  1.00 30.58 ? 154 C  B "O5'" 1 
ATOM   559 C  "C5'" . C  B 2 11 ? -15.056 6.243   -4.028  1.00 32.64 ? 154 C  B "C5'" 1 
ATOM   560 C  "C4'" . C  B 2 11 ? -14.472 6.910   -5.255  1.00 33.56 ? 154 C  B "C4'" 1 
ATOM   561 O  "O4'" . C  B 2 11 ? -13.201 6.291   -5.580  1.00 31.19 ? 154 C  B "O4'" 1 
ATOM   562 C  "C3'" . C  B 2 11 ? -15.261 6.700   -6.527  1.00 36.76 ? 154 C  B "C3'" 1 
ATOM   563 O  "O3'" . C  B 2 11 ? -16.353 7.608   -6.581  1.00 41.10 ? 154 C  B "O3'" 1 
ATOM   564 C  "C2'" . C  B 2 11 ? -14.208 6.991   -7.586  1.00 34.65 ? 154 C  B "C2'" 1 
ATOM   565 O  "O2'" . C  B 2 11 ? -13.919 8.373   -7.644  1.00 40.07 ? 154 C  B "O2'" 1 
ATOM   566 C  "C1'" . C  B 2 11 ? -12.993 6.320   -6.971  1.00 27.00 ? 154 C  B "C1'" 1 
ATOM   567 N  N1    . C  B 2 11 ? -12.767 4.961   -7.420  1.00 16.41 ? 154 C  B N1    1 
ATOM   568 C  C2    . C  B 2 11 ? -12.082 4.760   -8.595  1.00 21.54 ? 154 C  B C2    1 
ATOM   569 O  O2    . C  B 2 11 ? -11.672 5.752   -9.216  1.00 29.19 ? 154 C  B O2    1 
ATOM   570 N  N3    . C  B 2 11 ? -11.862 3.510   -9.040  1.00 17.95 ? 154 C  B N3    1 
ATOM   571 C  C4    . C  B 2 11 ? -12.304 2.481   -8.330  1.00 19.91 ? 154 C  B C4    1 
ATOM   572 N  N4    . C  B 2 11 ? -12.111 1.244   -8.818  1.00 23.59 ? 154 C  B N4    1 
ATOM   573 C  C5    . C  B 2 11 ? -12.981 2.659   -7.100  1.00 17.07 ? 154 C  B C5    1 
ATOM   574 C  C6    . C  B 2 11 ? -13.199 3.911   -6.692  1.00 16.02 ? 154 C  B C6    1 
ATOM   575 P  P     . G  B 2 12 L -17.745 7.119   -7.211  1.00 43.74 ? 31  G  B P     1 
ATOM   576 O  OP1   . G  B 2 12 L -18.582 8.345   -7.068  1.00 42.18 ? 31  G  B OP1   1 
ATOM   577 O  OP2   . G  B 2 12 L -18.219 5.787   -6.722  1.00 39.41 ? 31  G  B OP2   1 
ATOM   578 O  "O5'" . G  B 2 12 L -17.399 6.770   -8.724  1.00 44.42 ? 31  G  B "O5'" 1 
ATOM   579 C  "C5'" . G  B 2 12 L -16.756 7.714   -9.580  1.00 41.82 ? 31  G  B "C5'" 1 
ATOM   580 C  "C4'" . G  B 2 12 L -16.320 7.038   -10.861 1.00 37.06 ? 31  G  B "C4'" 1 
ATOM   581 O  "O4'" . G  B 2 12 L -15.128 6.239   -10.654 1.00 31.27 ? 31  G  B "O4'" 1 
ATOM   582 C  "C3'" . G  B 2 12 L -17.287 6.033   -11.460 1.00 35.00 ? 31  G  B "C3'" 1 
ATOM   583 O  "O3'" . G  B 2 12 L -18.361 6.687   -12.139 1.00 38.17 ? 31  G  B "O3'" 1 
ATOM   584 C  "C2'" . G  B 2 12 L -16.383 5.320   -12.453 1.00 33.78 ? 31  G  B "C2'" 1 
ATOM   585 O  "O2'" . G  B 2 12 L -16.281 6.050   -13.674 1.00 35.05 ? 31  G  B "O2'" 1 
ATOM   586 C  "C1'" . G  B 2 12 L -15.041 5.304   -11.701 1.00 29.84 ? 31  G  B "C1'" 1 
ATOM   587 N  N9    . G  B 2 12 L -14.834 3.995   -11.134 1.00 24.75 ? 31  G  B N9    1 
ATOM   588 C  C8    . G  B 2 12 L -15.228 3.562   -9.908  1.00 24.99 ? 31  G  B C8    1 
ATOM   589 N  N7    . G  B 2 12 L -15.097 2.268   -9.765  1.00 24.23 ? 31  G  B N7    1 
ATOM   590 C  C5    . G  B 2 12 L -14.537 1.852   -10.959 1.00 22.21 ? 31  G  B C5    1 
ATOM   591 C  C6    . G  B 2 12 L -14.222 0.571   -11.397 1.00 24.71 ? 31  G  B C6    1 
ATOM   592 O  O6    . G  B 2 12 L -14.396 -0.485  -10.810 1.00 37.59 ? 31  G  B O6    1 
ATOM   593 N  N1    . G  B 2 12 L -13.669 0.567   -12.659 1.00 21.22 ? 31  G  B N1    1 
ATOM   594 C  C2    . G  B 2 12 L -13.442 1.682   -13.404 1.00 30.75 ? 31  G  B C2    1 
ATOM   595 N  N2    . G  B 2 12 L -12.904 1.477   -14.639 1.00 34.99 ? 31  G  B N2    1 
ATOM   596 N  N3    . G  B 2 12 L -13.734 2.919   -12.994 1.00 27.76 ? 31  G  B N3    1 
ATOM   597 C  C4    . G  B 2 12 L -14.301 2.914   -11.780 1.00 23.63 ? 31  G  B C4    1 
ATOM   598 P  P     . U  B 2 13 L -19.779 5.925   -12.321 1.00 38.96 ? 32  U  B P     1 
ATOM   599 O  OP1   . U  B 2 13 L -20.399 6.361   -13.576 1.00 39.09 ? 32  U  B OP1   1 
ATOM   600 O  OP2   . U  B 2 13 L -20.531 6.056   -11.058 1.00 38.61 ? 32  U  B OP2   1 
ATOM   601 O  "O5'" . U  B 2 13 L -19.375 4.421   -12.542 1.00 32.88 ? 32  U  B "O5'" 1 
ATOM   602 C  "C5'" . U  B 2 13 L -20.298 3.427   -12.283 1.00 31.28 ? 32  U  B "C5'" 1 
ATOM   603 C  "C4'" . U  B 2 13 L -20.623 2.719   -13.549 1.00 30.20 ? 32  U  B "C4'" 1 
ATOM   604 O  "O4'" . U  B 2 13 L -21.048 3.719   -14.485 1.00 29.70 ? 32  U  B "O4'" 1 
ATOM   605 C  "C3'" . U  B 2 13 L -19.454 2.091   -14.268 1.00 31.28 ? 32  U  B "C3'" 1 
ATOM   606 O  "O3'" . U  B 2 13 L -19.093 0.831   -13.729 1.00 32.54 ? 32  U  B "O3'" 1 
ATOM   607 C  "C2'" . U  B 2 13 L -19.941 2.003   -15.712 1.00 28.22 ? 32  U  B "C2'" 1 
ATOM   608 O  "O2'" . U  B 2 13 L -20.593 0.782   -15.975 1.00 25.37 ? 32  U  B "O2'" 1 
ATOM   609 C  "C1'" . U  B 2 13 L -20.842 3.238   -15.801 1.00 27.75 ? 32  U  B "C1'" 1 
ATOM   610 N  N1    . U  B 2 13 L -20.346 4.375   -16.583 1.00 27.79 ? 32  U  B N1    1 
ATOM   611 C  C2    . U  B 2 13 L -19.972 4.179   -17.886 1.00 29.96 ? 32  U  B C2    1 
ATOM   612 O  O2    . U  B 2 13 L -20.013 3.059   -18.426 1.00 31.47 ? 32  U  B O2    1 
ATOM   613 N  N3    . U  B 2 13 L -19.557 5.333   -18.533 1.00 25.43 ? 32  U  B N3    1 
ATOM   614 C  C4    . U  B 2 13 L -19.497 6.612   -17.994 1.00 25.17 ? 32  U  B C4    1 
ATOM   615 O  O4    . U  B 2 13 L -19.047 7.545   -18.649 1.00 34.79 ? 32  U  B O4    1 
ATOM   616 C  C5    . U  B 2 13 L -19.902 6.703   -16.657 1.00 26.01 ? 32  U  B C5    1 
ATOM   617 C  C6    . U  B 2 13 L -20.293 5.612   -16.007 1.00 26.32 ? 32  U  B C6    1 
ATOM   618 P  P     . A  B 2 14 L -17.559 0.578   -13.348 1.00 33.33 ? 33  A  B P     1 
ATOM   619 O  OP1   . A  B 2 14 L -17.338 -0.817  -12.859 1.00 31.04 ? 33  A  B OP1   1 
ATOM   620 O  OP2   . A  B 2 14 L -17.246 1.772   -12.484 1.00 29.79 ? 33  A  B OP2   1 
ATOM   621 O  "O5'" . A  B 2 14 L -16.815 0.583   -14.751 1.00 29.53 ? 33  A  B "O5'" 1 
ATOM   622 C  "C5'" . A  B 2 14 L -16.902 -0.582  -15.576 1.00 30.30 ? 33  A  B "C5'" 1 
ATOM   623 C  "C4'" . A  B 2 14 L -16.475 -0.259  -16.989 1.00 29.16 ? 33  A  B "C4'" 1 
ATOM   624 O  "O4'" . A  B 2 14 L -17.058 1.007   -17.354 1.00 25.23 ? 33  A  B "O4'" 1 
ATOM   625 C  "C3'" . A  B 2 14 L -14.994 -0.017  -17.164 1.00 31.34 ? 33  A  B "C3'" 1 
ATOM   626 O  "O3'" . A  B 2 14 L -14.388 -1.292  -17.359 1.00 33.31 ? 33  A  B "O3'" 1 
ATOM   627 C  "C2'" . A  B 2 14 L -14.969 0.852   -18.411 1.00 28.45 ? 33  A  B "C2'" 1 
ATOM   628 O  "O2'" . A  B 2 14 L -15.289 0.088   -19.549 1.00 31.66 ? 33  A  B "O2'" 1 
ATOM   629 C  "C1'" . A  B 2 14 L -16.193 1.710   -18.185 1.00 20.66 ? 33  A  B "C1'" 1 
ATOM   630 N  N9    . A  B 2 14 L -16.010 2.981   -17.556 1.00 13.58 ? 33  A  B N9    1 
ATOM   631 C  C8    . A  B 2 14 L -16.072 3.297   -16.236 1.00 15.10 ? 33  A  B C8    1 
ATOM   632 N  N7    . A  B 2 14 L -16.034 4.600   -16.006 1.00 14.69 ? 33  A  B N7    1 
ATOM   633 C  C5    . A  B 2 14 L -15.909 5.148   -17.266 1.00 15.03 ? 33  A  B C5    1 
ATOM   634 C  C6    . A  B 2 14 L -15.872 6.486   -17.725 1.00 21.23 ? 33  A  B C6    1 
ATOM   635 N  N6    . A  B 2 14 L -15.878 7.563   -16.921 1.00 23.87 ? 33  A  B N6    1 
ATOM   636 N  N1    . A  B 2 14 L -15.818 6.688   -19.062 1.00 20.76 ? 33  A  B N1    1 
ATOM   637 C  C2    . A  B 2 14 L -15.749 5.602   -19.865 1.00 22.26 ? 33  A  B C2    1 
ATOM   638 N  N3    . A  B 2 14 L -15.735 4.296   -19.542 1.00 16.49 ? 33  A  B N3    1 
ATOM   639 C  C4    . A  B 2 14 L -15.845 4.149   -18.220 1.00 15.66 ? 33  A  B C4    1 
ATOM   640 P  P     . A  B 2 15 L -12.883 -1.523  -16.890 1.00 31.83 ? 34  A  B P     1 
ATOM   641 O  OP1   . A  B 2 15 L -12.619 -2.957  -17.224 1.00 27.46 ? 34  A  B OP1   1 
ATOM   642 O  OP2   . A  B 2 15 L -12.705 -1.026  -15.498 1.00 30.76 ? 34  A  B OP2   1 
ATOM   643 O  "O5'" . A  B 2 15 L -12.125 -0.523  -17.850 1.00 27.35 ? 34  A  B "O5'" 1 
ATOM   644 C  "C5'" . A  B 2 15 L -11.865 -0.915  -19.177 1.00 26.47 ? 34  A  B "C5'" 1 
ATOM   645 C  "C4'" . A  B 2 15 L -11.321 0.239   -19.919 1.00 24.74 ? 34  A  B "C4'" 1 
ATOM   646 O  "O4'" . A  B 2 15 L -12.154 1.360   -19.583 1.00 24.19 ? 34  A  B "O4'" 1 
ATOM   647 C  "C3'" . A  B 2 15 L -9.998  0.702   -19.385 1.00 26.06 ? 34  A  B "C3'" 1 
ATOM   648 O  "O3'" . A  B 2 15 L -8.964  -0.090  -19.934 1.00 25.20 ? 34  A  B "O3'" 1 
ATOM   649 C  "C2'" . A  B 2 15 L -9.956  2.138   -19.860 1.00 25.96 ? 34  A  B "C2'" 1 
ATOM   650 O  "O2'" . A  B 2 15 L -9.489  2.173   -21.181 1.00 31.63 ? 34  A  B "O2'" 1 
ATOM   651 C  "C1'" . A  B 2 15 L -11.435 2.531   -19.803 1.00 23.56 ? 34  A  B "C1'" 1 
ATOM   652 N  N9    . A  B 2 15 L -11.754 3.433   -18.723 1.00 22.18 ? 34  A  B N9    1 
ATOM   653 C  C8    . A  B 2 15 L -11.757 3.135   -17.400 1.00 28.32 ? 34  A  B C8    1 
ATOM   654 N  N7    . A  B 2 15 L -11.996 4.176   -16.625 1.00 32.50 ? 34  A  B N7    1 
ATOM   655 C  C5    . A  B 2 15 L -12.182 5.219   -17.521 1.00 28.37 ? 34  A  B C5    1 
ATOM   656 C  C6    . A  B 2 15 L -12.454 6.594   -17.340 1.00 31.43 ? 34  A  B C6    1 
ATOM   657 N  N6    . A  B 2 15 L -12.475 7.197   -16.137 1.00 36.88 ? 34  A  B N6    1 
ATOM   658 N  N1    . A  B 2 15 L -12.667 7.352   -18.443 1.00 34.25 ? 34  A  B N1    1 
ATOM   659 C  C2    . A  B 2 15 L -12.543 6.774   -19.643 1.00 33.32 ? 34  A  B C2    1 
ATOM   660 N  N3    . A  B 2 15 L -12.233 5.495   -19.938 1.00 34.56 ? 34  A  B N3    1 
ATOM   661 C  C4    . A  B 2 15 L -12.073 4.765   -18.817 1.00 27.74 ? 34  A  B C4    1 
ATOM   662 P  P     . G  B 2 16 ? -7.670  -0.387  -19.047 1.00 24.59 ? 164 G  B P     1 
ATOM   663 O  OP1   . G  B 2 16 ? -6.902  -1.495  -19.690 1.00 20.56 ? 164 G  B OP1   1 
ATOM   664 O  OP2   . G  B 2 16 ? -8.037  -0.462  -17.636 1.00 23.26 ? 164 G  B OP2   1 
ATOM   665 O  "O5'" . G  B 2 16 ? -6.941  1.008   -18.980 1.00 17.78 ? 164 G  B "O5'" 1 
ATOM   666 C  "C5'" . G  B 2 16 ? -6.397  1.454   -17.748 1.00 17.25 ? 164 G  B "C5'" 1 
ATOM   667 C  "C4'" . G  B 2 16 ? -6.826  2.857   -17.462 1.00 13.43 ? 164 G  B "C4'" 1 
ATOM   668 O  "O4'" . G  B 2 16 ? -8.229  2.810   -17.279 1.00 14.40 ? 164 G  B "O4'" 1 
ATOM   669 C  "C3'" . G  B 2 16 ? -6.298  3.399   -16.163 1.00 15.11 ? 164 G  B "C3'" 1 
ATOM   670 O  "O3'" . G  B 2 16 ? -5.062  4.036   -16.364 1.00 19.93 ? 164 G  B "O3'" 1 
ATOM   671 C  "C2'" . G  B 2 16 ? -7.380  4.356   -15.711 1.00 12.82 ? 164 G  B "C2'" 1 
ATOM   672 O  "O2'" . G  B 2 16 ? -7.369  5.623   -16.263 1.00 13.57 ? 164 G  B "O2'" 1 
ATOM   673 C  "C1'" . G  B 2 16 ? -8.607  3.627   -16.188 1.00 12.28 ? 164 G  B "C1'" 1 
ATOM   674 N  N9    . G  B 2 16 ? -9.090  2.733   -15.154 1.00 14.60 ? 164 G  B N9    1 
ATOM   675 C  C8    . G  B 2 16 ? -9.157  1.358   -15.242 1.00 12.62 ? 164 G  B C8    1 
ATOM   676 N  N7    . G  B 2 16 ? -9.642  0.805   -14.159 1.00 14.26 ? 164 G  B N7    1 
ATOM   677 C  C5    . G  B 2 16 ? -9.888  1.881   -13.312 1.00 11.96 ? 164 G  B C5    1 
ATOM   678 C  C6    . G  B 2 16 ? -10.358 1.873   -12.030 1.00 19.44 ? 164 G  B C6    1 
ATOM   679 O  O6    . G  B 2 16 ? -10.691 0.859   -11.355 1.00 26.21 ? 164 G  B O6    1 
ATOM   680 N  N1    . G  B 2 16 ? -10.436 3.171   -11.497 1.00 15.01 ? 164 G  B N1    1 
ATOM   681 C  C2    . G  B 2 16 ? -10.101 4.307   -12.174 1.00 16.40 ? 164 G  B C2    1 
ATOM   682 N  N2    . G  B 2 16 ? -10.258 5.459   -11.518 1.00 15.36 ? 164 G  B N2    1 
ATOM   683 N  N3    . G  B 2 16 ? -9.645  4.316   -13.412 1.00 13.89 ? 164 G  B N3    1 
ATOM   684 C  C4    . G  B 2 16 ? -9.564  3.073   -13.912 1.00 10.12 ? 164 G  B C4    1 
ATOM   685 P  P     . A  B 2 17 ? -3.863  3.751   -15.333 1.00 22.21 ? 163 A  B P     1 
ATOM   686 O  OP1   . A  B 2 17 ? -2.635  4.566   -15.659 1.00 17.00 ? 163 A  B OP1   1 
ATOM   687 O  OP2   . A  B 2 17 ? -3.773  2.229   -15.245 1.00 13.24 ? 163 A  B OP2   1 
ATOM   688 O  "O5'" . A  B 2 17 ? -4.394  4.591   -14.101 1.00 14.70 ? 163 A  B "O5'" 1 
ATOM   689 C  "C5'" . A  B 2 17 ? -4.350  5.991   -14.245 1.00 15.92 ? 163 A  B "C5'" 1 
ATOM   690 C  "C4'" . A  B 2 17 ? -5.060  6.660   -13.115 1.00 20.74 ? 163 A  B "C4'" 1 
ATOM   691 O  "O4'" . A  B 2 17 ? -6.386  6.076   -12.960 1.00 23.41 ? 163 A  B "O4'" 1 
ATOM   692 C  "C3'" . A  B 2 17 ? -4.467  6.458   -11.752 1.00 20.62 ? 163 A  B "C3'" 1 
ATOM   693 O  "O3'" . A  B 2 17 ? -3.430  7.381   -11.557 1.00 22.86 ? 163 A  B "O3'" 1 
ATOM   694 C  "C2'" . A  B 2 17 ? -5.650  6.844   -10.896 1.00 20.40 ? 163 A  B "C2'" 1 
ATOM   695 O  "O2'" . A  B 2 17 ? -5.874  8.231   -11.053 1.00 22.36 ? 163 A  B "O2'" 1 
ATOM   696 C  "C1'" . A  B 2 17 ? -6.755  6.088   -11.604 1.00 15.66 ? 163 A  B "C1'" 1 
ATOM   697 N  N9    . A  B 2 17 ? -6.865  4.702   -11.208 1.00 10.16 ? 163 A  B N9    1 
ATOM   698 C  C8    . A  B 2 17 ? -6.502  3.610   -11.945 1.00 13.31 ? 163 A  B C8    1 
ATOM   699 N  N7    . A  B 2 17 ? -6.832  2.456   -11.379 1.00 14.36 ? 163 A  B N7    1 
ATOM   700 C  C5    . A  B 2 17 ? -7.419  2.839   -10.182 1.00 8.23  ? 163 A  B C5    1 
ATOM   701 C  C6    . A  B 2 17 ? -7.978  2.107   -9.139  1.00 10.15 ? 163 A  B C6    1 
ATOM   702 N  N6    . A  B 2 17 ? -8.111  0.766   -9.145  1.00 9.08  ? 163 A  B N6    1 
ATOM   703 N  N1    . A  B 2 17 ? -8.427  2.790   -8.068  1.00 14.35 ? 163 A  B N1    1 
ATOM   704 C  C2    . A  B 2 17 ? -8.358  4.124   -8.085  1.00 14.13 ? 163 A  B C2    1 
ATOM   705 N  N3    . A  B 2 17 ? -7.897  4.924   -9.023  1.00 12.44 ? 163 A  B N3    1 
ATOM   706 C  C4    . A  B 2 17 ? -7.422  4.214   -10.054 1.00 10.63 ? 163 A  B C4    1 
ATOM   707 P  P     . G  B 2 18 ? -2.142  6.948   -10.688 1.00 28.34 ? 162 G  B P     1 
ATOM   708 O  OP1   . G  B 2 18 ? -1.290  8.150   -10.883 1.00 26.22 ? 162 G  B OP1   1 
ATOM   709 O  OP2   . G  B 2 18 ? -1.618  5.549   -10.959 1.00 20.58 ? 162 G  B OP2   1 
ATOM   710 O  "O5'" . G  B 2 18 ? -2.636  7.043   -9.187  1.00 27.85 ? 162 G  B "O5'" 1 
ATOM   711 C  "C5'" . G  B 2 18 ? -3.148  8.280   -8.745  1.00 30.68 ? 162 G  B "C5'" 1 
ATOM   712 C  "C4'" . G  B 2 18 ? -3.929  8.109   -7.475  1.00 30.15 ? 162 G  B "C4'" 1 
ATOM   713 O  "O4'" . G  B 2 18 ? -4.931  7.093   -7.642  1.00 25.29 ? 162 G  B "O4'" 1 
ATOM   714 C  "C3'" . G  B 2 18 ? -3.169  7.608   -6.278  1.00 31.51 ? 162 G  B "C3'" 1 
ATOM   715 O  "O3'" . G  B 2 18 ? -2.453  8.713   -5.741  1.00 36.89 ? 162 G  B "O3'" 1 
ATOM   716 C  "C2'" . G  B 2 18 ? -4.341  7.232   -5.401  1.00 26.90 ? 162 G  B "C2'" 1 
ATOM   717 O  "O2'" . G  B 2 18 ? -5.011  8.456   -5.097  1.00 26.79 ? 162 G  B "O2'" 1 
ATOM   718 C  "C1'" . G  B 2 18 ? -5.196  6.489   -6.413  1.00 20.66 ? 162 G  B "C1'" 1 
ATOM   719 N  N9    . G  B 2 18 ? -4.981  5.080   -6.639  1.00 13.82 ? 162 G  B N9    1 
ATOM   720 C  C8    . G  B 2 18 ? -4.270  4.552   -7.666  1.00 13.99 ? 162 G  B C8    1 
ATOM   721 N  N7    . G  B 2 18 ? -4.359  3.241   -7.728  1.00 17.79 ? 162 G  B N7    1 
ATOM   722 C  C5    . G  B 2 18 ? -5.131  2.898   -6.642  1.00 10.12 ? 162 G  B C5    1 
ATOM   723 C  C6    . G  B 2 18 ? -5.537  1.647   -6.202  1.00 14.69 ? 162 G  B C6    1 
ATOM   724 O  O6    . G  B 2 18 ? -5.259  0.538   -6.671  1.00 19.81 ? 162 G  B O6    1 
ATOM   725 N  N1    . G  B 2 18 ? -6.351  1.733   -5.087  1.00 17.36 ? 162 G  B N1    1 
ATOM   726 C  C2    . G  B 2 18 ? -6.700  2.892   -4.465  1.00 18.79 ? 162 G  B C2    1 
ATOM   727 N  N2    . G  B 2 18 ? -7.504  2.755   -3.408  1.00 22.12 ? 162 G  B N2    1 
ATOM   728 N  N3    . G  B 2 18 ? -6.295  4.087   -4.848  1.00 17.37 ? 162 G  B N3    1 
ATOM   729 C  C4    . G  B 2 18 ? -5.520  4.014   -5.949  1.00 15.71 ? 162 G  B C4    1 
ATOM   730 P  P     . U  B 2 19 ? -0.913  8.527   -5.298  1.00 40.72 ? 161 U  B P     1 
ATOM   731 O  OP1   . U  B 2 19 ? -0.317  9.882   -5.570  1.00 40.68 ? 161 U  B OP1   1 
ATOM   732 O  OP2   . U  B 2 19 ? -0.243  7.256   -5.806  1.00 29.13 ? 161 U  B OP2   1 
ATOM   733 O  "O5'" . U  B 2 19 ? -1.014  8.410   -3.711  1.00 40.68 ? 161 U  B "O5'" 1 
ATOM   734 C  "C5'" . U  B 2 19 ? -2.128  8.929   -2.971  1.00 35.71 ? 161 U  B "C5'" 1 
ATOM   735 C  "C4'" . U  B 2 19 ? -2.482  7.936   -1.900  1.00 31.87 ? 161 U  B "C4'" 1 
ATOM   736 O  "O4'" . U  B 2 19 ? -3.053  6.764   -2.480  1.00 27.48 ? 161 U  B "O4'" 1 
ATOM   737 C  "C3'" . U  B 2 19 ? -1.274  7.499   -1.089  1.00 29.32 ? 161 U  B "C3'" 1 
ATOM   738 O  "O3'" . U  B 2 19 ? -1.598  8.140   0.148   1.00 31.44 ? 161 U  B "O3'" 1 
ATOM   739 C  "C2'" . U  B 2 19 ? -1.337  5.969   -1.092  1.00 27.03 ? 161 U  B "C2'" 1 
ATOM   740 O  "O2'" . U  B 2 19 ? -1.132  5.356   0.153   1.00 30.64 ? 161 U  B "O2'" 1 
ATOM   741 C  "C1'" . U  B 2 19 ? -2.722  5.693   -1.697  1.00 24.94 ? 161 U  B "C1'" 1 
ATOM   742 N  N1    . U  B 2 19 ? -2.914  4.494   -2.498  1.00 21.64 ? 161 U  B N1    1 
ATOM   743 C  C2    . U  B 2 19 ? -3.828  3.614   -2.060  1.00 23.64 ? 161 U  B C2    1 
ATOM   744 O  O2    . U  B 2 19 ? -4.581  3.866   -1.167  1.00 31.05 ? 161 U  B O2    1 
ATOM   745 N  N3    . U  B 2 19 ? -3.856  2.428   -2.707  1.00 23.14 ? 161 U  B N3    1 
ATOM   746 C  C4    . U  B 2 19 ? -3.094  2.078   -3.763  1.00 24.97 ? 161 U  B C4    1 
ATOM   747 O  O4    . U  B 2 19 ? -2.986  0.887   -4.047  1.00 32.48 ? 161 U  B O4    1 
ATOM   748 C  C5    . U  B 2 19 ? -2.259  3.107   -4.234  1.00 22.97 ? 161 U  B C5    1 
ATOM   749 C  C6    . U  B 2 19 ? -2.196  4.255   -3.584  1.00 23.77 ? 161 U  B C6    1 
ATOM   750 P  P     . C  B 2 20 ? -0.618  8.132   1.404   1.00 32.80 ? 170 C  B P     1 
ATOM   751 O  OP1   . C  B 2 20 ? 0.082   9.446   1.412   1.00 31.75 ? 170 C  B OP1   1 
ATOM   752 O  OP2   . C  B 2 20 ? 0.107   6.846   1.593   1.00 30.51 ? 170 C  B OP2   1 
ATOM   753 O  "O5'" . C  B 2 20 ? -1.605  8.210   2.641   1.00 37.05 ? 170 C  B "O5'" 1 
ATOM   754 C  "C5'" . C  B 2 20 ? -2.914  8.737   2.480   1.00 41.00 ? 170 C  B "C5'" 1 
ATOM   755 C  "C4'" . C  B 2 20 ? -3.639  8.783   3.801   1.00 41.10 ? 170 C  B "C4'" 1 
ATOM   756 O  "O4'" . C  B 2 20 ? -4.132  7.476   4.202   1.00 39.30 ? 170 C  B "O4'" 1 
ATOM   757 C  "C3'" . C  B 2 20 ? -2.769  9.234   4.954   1.00 40.85 ? 170 C  B "C3'" 1 
ATOM   758 O  "O3'" . C  B 2 20 ? -2.785  10.642  4.947   1.00 40.87 ? 170 C  B "O3'" 1 
ATOM   759 C  "C2'" . C  B 2 20 ? -3.557  8.738   6.143   1.00 41.38 ? 170 C  B "C2'" 1 
ATOM   760 O  "O2'" . C  B 2 20 ? -4.616  9.637   6.380   1.00 45.25 ? 170 C  B "O2'" 1 
ATOM   761 C  "C1'" . C  B 2 20 ? -4.129  7.422   5.613   1.00 40.40 ? 170 C  B "C1'" 1 
ATOM   762 N  N1    . C  B 2 20 ? -3.406  6.231   6.081   1.00 38.60 ? 170 C  B N1    1 
ATOM   763 C  C2    . C  B 2 20 ? -3.395  5.997   7.430   1.00 39.81 ? 170 C  B C2    1 
ATOM   764 O  O2    . C  B 2 20 ? -3.947  6.819   8.160   1.00 41.62 ? 170 C  B O2    1 
ATOM   765 N  N3    . C  B 2 20 ? -2.795  4.878   7.922   1.00 37.65 ? 170 C  B N3    1 
ATOM   766 C  C4    . C  B 2 20 ? -2.236  4.009   7.092   1.00 36.91 ? 170 C  B C4    1 
ATOM   767 N  N4    . C  B 2 20 ? -1.731  2.900   7.612   1.00 36.05 ? 170 C  B N4    1 
ATOM   768 C  C5    . C  B 2 20 ? -2.196  4.236   5.685   1.00 39.53 ? 170 C  B C5    1 
ATOM   769 C  C6    . C  B 2 20 ? -2.788  5.361   5.225   1.00 43.17 ? 170 C  B C6    1 
ATOM   770 P  P     . A  B 2 21 ? -1.649  11.443  5.709   1.00 45.26 ? 11  A  B P     1 
ATOM   771 O  OP1   . A  B 2 21 ? -1.910  12.877  5.405   1.00 45.76 ? 11  A  B OP1   1 
ATOM   772 O  OP2   . A  B 2 21 ? -0.277  10.850  5.537   1.00 41.90 ? 11  A  B OP2   1 
ATOM   773 O  "O5'" . A  B 2 21 ? -2.049  11.282  7.225   1.00 45.36 ? 11  A  B "O5'" 1 
ATOM   774 C  "C5'" . A  B 2 21 ? -1.058  11.178  8.239   1.00 42.40 ? 11  A  B "C5'" 1 
ATOM   775 C  "C4'" . A  B 2 21 ? -1.683  10.561  9.468   1.00 39.81 ? 11  A  B "C4'" 1 
ATOM   776 O  "O4'" . A  B 2 21 ? -2.200  9.243   9.139   1.00 35.52 ? 11  A  B "O4'" 1 
ATOM   777 C  "C3'" . A  B 2 21 ? -0.799  10.308  10.667  1.00 37.95 ? 11  A  B "C3'" 1 
ATOM   778 O  "O3'" . A  B 2 21 ? -0.695  11.502  11.431  1.00 35.64 ? 11  A  B "O3'" 1 
ATOM   779 C  "C2'" . A  B 2 21 ? -1.658  9.322   11.426  1.00 38.54 ? 11  A  B "C2'" 1 
ATOM   780 O  "O2'" . A  B 2 21 ? -2.721  10.066  11.996  1.00 42.64 ? 11  A  B "O2'" 1 
ATOM   781 C  "C1'" . A  B 2 21 ? -2.210  8.458   10.292  1.00 33.88 ? 11  A  B "C1'" 1 
ATOM   782 N  N9    . A  B 2 21 ? -1.430  7.277   9.999   1.00 29.71 ? 11  A  B N9    1 
ATOM   783 C  C8    . A  B 2 21 ? -0.643  7.040   8.921   1.00 30.48 ? 11  A  B C8    1 
ATOM   784 N  N7    . A  B 2 21 ? -0.089  5.844   8.922   1.00 30.29 ? 11  A  B N7    1 
ATOM   785 C  C5    . A  B 2 21 ? -0.535  5.276   10.094  1.00 27.38 ? 11  A  B C5    1 
ATOM   786 C  C6    . A  B 2 21 ? -0.304  4.037   10.682  1.00 27.90 ? 11  A  B C6    1 
ATOM   787 N  N6    . A  B 2 21 ? 0.476   3.113   10.171  1.00 29.09 ? 11  A  B N6    1 
ATOM   788 N  N1    . A  B 2 21 ? -0.912  3.765   11.845  1.00 34.67 ? 11  A  B N1    1 
ATOM   789 C  C2    . A  B 2 21 ? -1.697  4.709   12.386  1.00 40.13 ? 11  A  B C2    1 
ATOM   790 N  N3    . A  B 2 21 ? -1.985  5.936   11.929  1.00 37.83 ? 11  A  B N3    1 
ATOM   791 C  C4    . A  B 2 21 ? -1.365  6.151   10.767  1.00 32.38 ? 11  A  B C4    1 
ATOM   792 P  P     . C  B 2 22 ? 0.641   11.771  12.273  1.00 39.22 ? 12  C  B P     1 
ATOM   793 O  OP1   . C  B 2 22 ? 0.778   13.245  12.459  1.00 35.25 ? 12  C  B OP1   1 
ATOM   794 O  OP2   . C  B 2 22 ? 1.769   10.937  11.733  1.00 34.38 ? 12  C  B OP2   1 
ATOM   795 O  "O5'" . C  B 2 22 ? 0.355   11.100  13.667  1.00 37.84 ? 12  C  B "O5'" 1 
ATOM   796 C  "C5'" . C  B 2 22 ? 0.389   9.711   13.753  1.00 35.44 ? 12  C  B "C5'" 1 
ATOM   797 C  "C4'" . C  B 2 22 ? -0.185  9.281   15.043  1.00 34.51 ? 12  C  B "C4'" 1 
ATOM   798 O  "O4'" . C  B 2 22 ? -0.944  8.097   14.782  1.00 34.52 ? 12  C  B "O4'" 1 
ATOM   799 C  "C3'" . C  B 2 22 ? 0.908   8.883   16.006  1.00 37.71 ? 12  C  B "C3'" 1 
ATOM   800 O  "O3'" . C  B 2 22 ? 1.180   9.948   16.898  1.00 39.31 ? 12  C  B "O3'" 1 
ATOM   801 C  "C2'" . C  B 2 22 ? 0.331   7.664   16.683  1.00 35.77 ? 12  C  B "C2'" 1 
ATOM   802 O  "O2'" . C  B 2 22 ? -0.623  8.058   17.631  1.00 41.53 ? 12  C  B "O2'" 1 
ATOM   803 C  "C1'" . C  B 2 22 ? -0.399  7.031   15.511  1.00 34.58 ? 12  C  B "C1'" 1 
ATOM   804 N  N1    . C  B 2 22 ? 0.483   6.304   14.600  1.00 33.28 ? 12  C  B N1    1 
ATOM   805 C  C2    . C  B 2 22 ? 0.712   4.967   14.857  1.00 36.21 ? 12  C  B C2    1 
ATOM   806 O  O2    . C  B 2 22 ? 0.145   4.461   15.803  1.00 41.58 ? 12  C  B O2    1 
ATOM   807 N  N3    . C  B 2 22 ? 1.535   4.250   14.066  1.00 37.55 ? 12  C  B N3    1 
ATOM   808 C  C4    . C  B 2 22 ? 2.106   4.837   13.014  1.00 38.10 ? 12  C  B C4    1 
ATOM   809 N  N4    . C  B 2 22 ? 2.917   4.077   12.259  1.00 38.52 ? 12  C  B N4    1 
ATOM   810 C  C5    . C  B 2 22 ? 1.871   6.225   12.697  1.00 31.68 ? 12  C  B C5    1 
ATOM   811 C  C6    . C  B 2 22 ? 1.064   6.914   13.518  1.00 29.91 ? 12  C  B C6    1 
ATOM   812 P  P     . C  B 2 23 ? 2.555   9.945   17.711  1.00 42.87 ? 13  C  B P     1 
ATOM   813 O  OP1   . C  B 2 23 ? 2.329   11.015  18.719  1.00 42.28 ? 13  C  B OP1   1 
ATOM   814 O  OP2   . C  B 2 23 ? 3.753   10.003  16.830  1.00 41.73 ? 13  C  B OP2   1 
ATOM   815 O  "O5'" . C  B 2 23 ? 2.584   8.496   18.362  1.00 33.81 ? 13  C  B "O5'" 1 
ATOM   816 C  "C5'" . C  B 2 23 ? 2.220   8.365   19.696  1.00 30.58 ? 13  C  B "C5'" 1 
ATOM   817 C  "C4'" . C  B 2 23 ? 2.222   6.934   20.085  1.00 28.85 ? 13  C  B "C4'" 1 
ATOM   818 O  "O4'" . C  B 2 23 ? 2.029   6.118   18.920  1.00 26.65 ? 13  C  B "O4'" 1 
ATOM   819 C  "C3'" . C  B 2 23 ? 3.539   6.423   20.588  1.00 29.15 ? 13  C  B "C3'" 1 
ATOM   820 O  "O3'" . C  B 2 23 ? 3.780   6.861   21.902  1.00 30.27 ? 13  C  B "O3'" 1 
ATOM   821 C  "C2'" . C  B 2 23 ? 3.352   4.924   20.477  1.00 25.94 ? 13  C  B "C2'" 1 
ATOM   822 O  "O2'" . C  B 2 23 ? 2.577   4.413   21.526  1.00 26.51 ? 13  C  B "O2'" 1 
ATOM   823 C  "C1'" . C  B 2 23 ? 2.555   4.839   19.185  1.00 24.61 ? 13  C  B "C1'" 1 
ATOM   824 N  N1    . C  B 2 23 ? 3.361   4.454   18.046  1.00 24.07 ? 13  C  B N1    1 
ATOM   825 C  C2    . C  B 2 23 ? 3.840   3.180   17.990  1.00 26.43 ? 13  C  B C2    1 
ATOM   826 O  O2    . C  B 2 23 ? 3.716   2.492   18.967  1.00 37.26 ? 13  C  B O2    1 
ATOM   827 N  N3    . C  B 2 23 ? 4.464   2.728   16.893  1.00 26.29 ? 13  C  B N3    1 
ATOM   828 C  C4    . C  B 2 23 ? 4.692   3.565   15.891  1.00 29.57 ? 13  C  B C4    1 
ATOM   829 N  N4    . C  B 2 23 ? 5.361   3.105   14.829  1.00 25.57 ? 13  C  B N4    1 
ATOM   830 C  C5    . C  B 2 23 ? 4.261   4.926   15.939  1.00 29.03 ? 13  C  B C5    1 
ATOM   831 C  C6    . C  B 2 23 ? 3.602   5.326   17.035  1.00 27.20 ? 13  C  B C6    1 
ATOM   832 P  P     . A  B 2 24 ? 5.288   7.149   22.352  1.00 34.20 ? 14  A  B P     1 
ATOM   833 O  OP1   . A  B 2 24 ? 5.169   8.360   23.229  1.00 30.95 ? 14  A  B OP1   1 
ATOM   834 O  OP2   . A  B 2 24 ? 6.158   7.221   21.127  1.00 31.79 ? 14  A  B OP2   1 
ATOM   835 O  "O5'" . A  B 2 24 ? 5.658   5.767   23.046  1.00 21.31 ? 14  A  B "O5'" 1 
ATOM   836 C  "C5'" . A  B 2 24 ? 5.494   4.625   22.292  1.00 19.89 ? 14  A  B "C5'" 1 
ATOM   837 C  "C4'" . A  B 2 24 ? 5.890   3.438   23.055  1.00 26.94 ? 14  A  B "C4'" 1 
ATOM   838 O  "O4'" . A  B 2 24 ? 5.535   2.294   22.254  1.00 32.48 ? 14  A  B "O4'" 1 
ATOM   839 C  "C3'" . A  B 2 24 ? 7.377   3.338   23.252  1.00 32.61 ? 14  A  B "C3'" 1 
ATOM   840 O  "O3'" . A  B 2 24 ? 7.662   3.773   24.563  1.00 39.50 ? 14  A  B "O3'" 1 
ATOM   841 C  "C2'" . A  B 2 24 ? 7.636   1.859   23.012  1.00 31.54 ? 14  A  B "C2'" 1 
ATOM   842 O  "O2'" . A  B 2 24 ? 7.195   1.081   24.101  1.00 31.16 ? 14  A  B "O2'" 1 
ATOM   843 C  "C1'" . A  B 2 24 ? 6.693   1.623   21.842  1.00 31.06 ? 14  A  B "C1'" 1 
ATOM   844 N  N9    . A  B 2 24 ? 7.047   2.284   20.584  1.00 32.28 ? 14  A  B N9    1 
ATOM   845 C  C8    . A  B 2 24 ? 6.831   3.620   20.274  1.00 31.97 ? 14  A  B C8    1 
ATOM   846 N  N7    . A  B 2 24 ? 7.201   3.941   19.050  1.00 31.08 ? 14  A  B N7    1 
ATOM   847 C  C5    . A  B 2 24 ? 7.696   2.750   18.533  1.00 27.05 ? 14  A  B C5    1 
ATOM   848 C  C6    . A  B 2 24 ? 8.244   2.433   17.297  1.00 29.19 ? 14  A  B C6    1 
ATOM   849 N  N6    . A  B 2 24 ? 8.386   3.309   16.316  1.00 31.84 ? 14  A  B N6    1 
ATOM   850 N  N1    . A  B 2 24 ? 8.654   1.165   17.092  1.00 30.34 ? 14  A  B N1    1 
ATOM   851 C  C2    . A  B 2 24 ? 8.515   0.285   18.087  1.00 30.71 ? 14  A  B C2    1 
ATOM   852 N  N3    . A  B 2 24 ? 8.010   0.464   19.307  1.00 30.97 ? 14  A  B N3    1 
ATOM   853 C  C4    . A  B 2 24 ? 7.615   1.732   19.467  1.00 28.77 ? 14  A  B C4    1 
ATOM   854 P  P     . C  B 2 25 ? 9.139   4.272   24.937  1.00 41.86 ? 15  C  B P     1 
ATOM   855 O  OP1   . C  B 2 25 ? 9.220   4.021   26.398  1.00 44.76 ? 15  C  B OP1   1 
ATOM   856 O  OP2   . C  B 2 25 ? 9.427   5.645   24.397  1.00 36.37 ? 15  C  B OP2   1 
ATOM   857 O  "O5'" . C  B 2 25 ? 10.020  3.136   24.294  1.00 36.08 ? 15  C  B "O5'" 1 
ATOM   858 C  "C5'" . C  B 2 25 ? 9.816   1.833   24.733  1.00 37.05 ? 15  C  B "C5'" 1 
ATOM   859 C  "C4'" . C  B 2 25 ? 10.826  0.940   24.103  1.00 43.64 ? 15  C  B "C4'" 1 
ATOM   860 O  "O4'" . C  B 2 25 ? 10.337  0.504   22.796  1.00 46.03 ? 15  C  B "O4'" 1 
ATOM   861 C  "C3'" . C  B 2 25 ? 12.189  1.537   23.775  1.00 44.26 ? 15  C  B "C3'" 1 
ATOM   862 O  "O3'" . C  B 2 25 ? 13.143  1.862   24.828  1.00 42.53 ? 15  C  B "O3'" 1 
ATOM   863 C  "C2'" . C  B 2 25 ? 12.674  0.481   22.790  1.00 46.34 ? 15  C  B "C2'" 1 
ATOM   864 O  "O2'" . C  B 2 25 ? 12.889  -0.779  23.423  1.00 51.72 ? 15  C  B "O2'" 1 
ATOM   865 C  "C1'" . C  B 2 25 ? 11.434  0.333   21.909  1.00 42.04 ? 15  C  B "C1'" 1 
ATOM   866 N  N1    . C  B 2 25 ? 11.367  1.401   20.900  1.00 35.46 ? 15  C  B N1    1 
ATOM   867 C  C2    . C  B 2 25 ? 11.686  1.095   19.590  1.00 34.28 ? 15  C  B C2    1 
ATOM   868 O  O2    . C  B 2 25 ? 12.072  -0.059  19.341  1.00 36.17 ? 15  C  B O2    1 
ATOM   869 N  N3    . C  B 2 25 ? 11.581  2.060   18.624  1.00 30.07 ? 15  C  B N3    1 
ATOM   870 C  C4    . C  B 2 25 ? 11.193  3.295   18.966  1.00 30.39 ? 15  C  B C4    1 
ATOM   871 N  N4    . C  B 2 25 ? 11.072  4.220   18.007  1.00 26.68 ? 15  C  B N4    1 
ATOM   872 C  C5    . C  B 2 25 ? 10.903  3.641   20.314  1.00 32.42 ? 15  C  B C5    1 
ATOM   873 C  C6    . C  B 2 25 ? 10.994  2.669   21.242  1.00 33.78 ? 15  C  B C6    1 
HETATM 874 TB TB    . TB C 3 .  ? -9.127  11.213  -1.841  0.42 52.74 ? 4   TB A TB    1 
HETATM 875 TB TB    . TB D 3 .  ? 0.606   -0.055  6.697   0.22 64.46 ? 3   TB A TB    1 
HETATM 876 TB TB    . TB E 3 .  ? 4.983   5.117   9.534   0.27 52.01 ? 1   TB B TB    1 
HETATM 877 TB TB    . TB F 3 .  ? -4.306  6.664   14.261  0.20 57.10 ? 7   TB B TB    1 
HETATM 878 TB TB    . TB G 3 .  ? -8.873  8.416   -14.232 0.23 51.19 ? 8   TB B TB    1 
# 
loop_
_pdbx_poly_seq_scheme.asym_id 
_pdbx_poly_seq_scheme.entity_id 
_pdbx_poly_seq_scheme.seq_id 
_pdbx_poly_seq_scheme.mon_id 
_pdbx_poly_seq_scheme.ndb_seq_num 
_pdbx_poly_seq_scheme.pdb_seq_num 
_pdbx_poly_seq_scheme.auth_seq_num 
_pdbx_poly_seq_scheme.pdb_mon_id 
_pdbx_poly_seq_scheme.auth_mon_id 
_pdbx_poly_seq_scheme.pdb_strand_id 
_pdbx_poly_seq_scheme.pdb_ins_code 
_pdbx_poly_seq_scheme.hetero 
A 1 1  G 1  25  25  G G A . n 
A 1 2  U 2  24  24  U U A . n 
A 1 3  G 3  23  23  G G A . n 
A 1 4  G 4  22  22  G G A . n 
A 1 5  U 5  21  21  U U A . n 
A 1 6  C 6  30  30  C C A . n 
A 1 7  U 7  40  40  U U A . n 
A 1 8  G 8  50  50  G G A . n 
A 1 9  A 9  60  60  A A A . n 
A 1 10 U 10 70  70  U U A . n 
A 1 11 G 11 80  80  G G A . n 
A 1 12 A 12 90  90  A A A . n 
A 1 13 G 13 101 101 G G A . n 
A 1 14 G 14 102 102 G G A . n 
A 1 15 C 15 103 103 C C A . n 
A 1 16 C 16 104 104 C C A . n 
B 2 1  G 1  114 114 G G B . n 
B 2 2  G 2  113 113 G G B . n 
B 2 3  C 3  112 112 C C B . n 
B 2 4  C 4  111 111 C C B . n 
B 2 5  G 5  120 120 G G B . n 
B 2 6  A 6  130 130 A A B . n 
B 2 7  A 7  140 140 A A B . n 
B 2 8  A 8  151 151 A A B . n 
B 2 9  C 9  152 152 C C B . n 
B 2 10 U 10 153 153 U U B . n 
B 2 11 C 11 154 154 C C B . n 
B 2 12 G 12 31  31  G G B L n 
B 2 13 U 13 32  32  U U B L n 
B 2 14 A 14 33  33  A A B L n 
B 2 15 A 15 34  34  A A B L n 
B 2 16 G 16 164 164 G G B . n 
B 2 17 A 17 163 163 A A B . n 
B 2 18 G 18 162 162 G G B . n 
B 2 19 U 19 161 161 U U B . n 
B 2 20 C 20 170 170 C C B . n 
B 2 21 A 21 11  11  A A B . n 
B 2 22 C 22 12  12  C C B . n 
B 2 23 C 23 13  13  C C B . n 
B 2 24 A 24 14  14  A A B . n 
B 2 25 C 25 15  15  C C B . n 
# 
loop_
_pdbx_nonpoly_scheme.asym_id 
_pdbx_nonpoly_scheme.entity_id 
_pdbx_nonpoly_scheme.mon_id 
_pdbx_nonpoly_scheme.ndb_seq_num 
_pdbx_nonpoly_scheme.pdb_seq_num 
_pdbx_nonpoly_scheme.auth_seq_num 
_pdbx_nonpoly_scheme.pdb_mon_id 
_pdbx_nonpoly_scheme.auth_mon_id 
_pdbx_nonpoly_scheme.pdb_strand_id 
_pdbx_nonpoly_scheme.pdb_ins_code 
C 3 TB 1 4 4 TB TB A . 
D 3 TB 1 3 3 TB TB A . 
E 3 TB 1 1 1 TB TB B . 
F 3 TB 1 7 7 TB TB B . 
G 3 TB 1 8 8 TB TB B . 
# 
_pdbx_struct_assembly.id                   1 
_pdbx_struct_assembly.details              author_defined_assembly 
_pdbx_struct_assembly.method_details       ? 
_pdbx_struct_assembly.oligomeric_details   dimeric 
_pdbx_struct_assembly.oligomeric_count     2 
# 
_pdbx_struct_assembly_gen.assembly_id       1 
_pdbx_struct_assembly_gen.oper_expression   1 
_pdbx_struct_assembly_gen.asym_id_list      A,B,C,D,E,F,G 
# 
_pdbx_struct_oper_list.id                   1 
_pdbx_struct_oper_list.type                 'identity operation' 
_pdbx_struct_oper_list.name                 1_555 
_pdbx_struct_oper_list.symmetry_operation   x,y,z 
_pdbx_struct_oper_list.matrix[1][1]         1.0000000000 
_pdbx_struct_oper_list.matrix[1][2]         0.0000000000 
_pdbx_struct_oper_list.matrix[1][3]         0.0000000000 
_pdbx_struct_oper_list.vector[1]            0.0000000000 
_pdbx_struct_oper_list.matrix[2][1]         0.0000000000 
_pdbx_struct_oper_list.matrix[2][2]         1.0000000000 
_pdbx_struct_oper_list.matrix[2][3]         0.0000000000 
_pdbx_struct_oper_list.vector[2]            0.0000000000 
_pdbx_struct_oper_list.matrix[3][1]         0.0000000000 
_pdbx_struct_oper_list.matrix[3][2]         0.0000000000 
_pdbx_struct_oper_list.matrix[3][3]         1.0000000000 
_pdbx_struct_oper_list.vector[3]            0.0000000000 
# 
loop_
_pdbx_audit_revision_history.ordinal 
_pdbx_audit_revision_history.data_content_type 
_pdbx_audit_revision_history.major_revision 
_pdbx_audit_revision_history.minor_revision 
_pdbx_audit_revision_history.revision_date 
1 'Structure model' 1 0 1997-11-07 
2 'Structure model' 1 1 2008-05-22 
3 'Structure model' 1 2 2011-07-13 
4 'Structure model' 1 3 2023-08-02 
# 
_pdbx_audit_revision_details.ordinal             1 
_pdbx_audit_revision_details.revision_ordinal    1 
_pdbx_audit_revision_details.data_content_type   'Structure model' 
_pdbx_audit_revision_details.provider            repository 
_pdbx_audit_revision_details.type                'Initial release' 
_pdbx_audit_revision_details.description         ? 
_pdbx_audit_revision_details.details             ? 
# 
loop_
_pdbx_audit_revision_group.ordinal 
_pdbx_audit_revision_group.revision_ordinal 
_pdbx_audit_revision_group.data_content_type 
_pdbx_audit_revision_group.group 
1 2 'Structure model' 'Version format compliance' 
2 3 'Structure model' 'Version format compliance' 
3 4 'Structure model' 'Database references'       
4 4 'Structure model' 'Derived calculations'      
5 4 'Structure model' 'Refinement description'    
# 
loop_
_pdbx_audit_revision_category.ordinal 
_pdbx_audit_revision_category.revision_ordinal 
_pdbx_audit_revision_category.data_content_type 
_pdbx_audit_revision_category.category 
1 4 'Structure model' database_2                    
2 4 'Structure model' pdbx_initial_refinement_model 
3 4 'Structure model' struct_site                   
# 
loop_
_pdbx_audit_revision_item.ordinal 
_pdbx_audit_revision_item.revision_ordinal 
_pdbx_audit_revision_item.data_content_type 
_pdbx_audit_revision_item.item 
1 4 'Structure model' '_database_2.pdbx_DOI'                
2 4 'Structure model' '_database_2.pdbx_database_accession' 
3 4 'Structure model' '_struct_site.pdbx_auth_asym_id'      
4 4 'Structure model' '_struct_site.pdbx_auth_comp_id'      
5 4 'Structure model' '_struct_site.pdbx_auth_seq_id'       
# 
loop_
_software.name 
_software.classification 
_software.version 
_software.citation_id 
_software.pdbx_ordinal 
X-PLOR 'model building' 'REFINEMENT BASED ON INITIAL MODEL PHASES' ? 1 
X-PLOR refinement       .                                          ? 2 
MOSFLM 'data reduction' .                                          ? 3 
CCP4   'data scaling'   '(SCALA)'                                  ? 4 
X-PLOR phasing          'REFINEMENT BASED ON INITIAL MODEL PHASES' ? 5 
# 
_pdbx_validate_rmsd_bond.id                        1 
_pdbx_validate_rmsd_bond.PDB_model_num             1 
_pdbx_validate_rmsd_bond.auth_atom_id_1            N1 
_pdbx_validate_rmsd_bond.auth_asym_id_1            A 
_pdbx_validate_rmsd_bond.auth_comp_id_1            U 
_pdbx_validate_rmsd_bond.auth_seq_id_1             24 
_pdbx_validate_rmsd_bond.PDB_ins_code_1            ? 
_pdbx_validate_rmsd_bond.label_alt_id_1            ? 
_pdbx_validate_rmsd_bond.auth_atom_id_2            C2 
_pdbx_validate_rmsd_bond.auth_asym_id_2            A 
_pdbx_validate_rmsd_bond.auth_comp_id_2            U 
_pdbx_validate_rmsd_bond.auth_seq_id_2             24 
_pdbx_validate_rmsd_bond.PDB_ins_code_2            ? 
_pdbx_validate_rmsd_bond.label_alt_id_2            ? 
_pdbx_validate_rmsd_bond.bond_value                1.320 
_pdbx_validate_rmsd_bond.bond_target_value         1.381 
_pdbx_validate_rmsd_bond.bond_deviation            -0.061 
_pdbx_validate_rmsd_bond.bond_standard_deviation   0.009 
_pdbx_validate_rmsd_bond.linker_flag               N 
# 
loop_
_pdbx_validate_rmsd_angle.id 
_pdbx_validate_rmsd_angle.PDB_model_num 
_pdbx_validate_rmsd_angle.auth_atom_id_1 
_pdbx_validate_rmsd_angle.auth_asym_id_1 
_pdbx_validate_rmsd_angle.auth_comp_id_1 
_pdbx_validate_rmsd_angle.auth_seq_id_1 
_pdbx_validate_rmsd_angle.PDB_ins_code_1 
_pdbx_validate_rmsd_angle.label_alt_id_1 
_pdbx_validate_rmsd_angle.auth_atom_id_2 
_pdbx_validate_rmsd_angle.auth_asym_id_2 
_pdbx_validate_rmsd_angle.auth_comp_id_2 
_pdbx_validate_rmsd_angle.auth_seq_id_2 
_pdbx_validate_rmsd_angle.PDB_ins_code_2 
_pdbx_validate_rmsd_angle.label_alt_id_2 
_pdbx_validate_rmsd_angle.auth_atom_id_3 
_pdbx_validate_rmsd_angle.auth_asym_id_3 
_pdbx_validate_rmsd_angle.auth_comp_id_3 
_pdbx_validate_rmsd_angle.auth_seq_id_3 
_pdbx_validate_rmsd_angle.PDB_ins_code_3 
_pdbx_validate_rmsd_angle.label_alt_id_3 
_pdbx_validate_rmsd_angle.angle_value 
_pdbx_validate_rmsd_angle.angle_target_value 
_pdbx_validate_rmsd_angle.angle_deviation 
_pdbx_validate_rmsd_angle.angle_standard_deviation 
_pdbx_validate_rmsd_angle.linker_flag 
1 1 "O5'" B G 164 ? ? P B G 164 ? ? OP2 B G 164 ? ? 96.91  105.70 -8.79 0.90 N 
2 1 "O5'" B A 163 ? ? P B A 163 ? ? OP1 B A 163 ? ? 98.89  105.70 -6.81 0.90 N 
3 1 "O5'" B A 163 ? ? P B A 163 ? ? OP2 B A 163 ? ? 120.31 110.70 9.61  1.20 N 
# 
loop_
_pdbx_validate_planes.id 
_pdbx_validate_planes.PDB_model_num 
_pdbx_validate_planes.auth_comp_id 
_pdbx_validate_planes.auth_asym_id 
_pdbx_validate_planes.auth_seq_id 
_pdbx_validate_planes.PDB_ins_code 
_pdbx_validate_planes.label_alt_id 
_pdbx_validate_planes.rmsd 
_pdbx_validate_planes.type 
1 1 U A 24  ? ? 0.079 'SIDE CHAIN' 
2 1 A A 90  ? ? 0.060 'SIDE CHAIN' 
3 1 C A 103 ? ? 0.071 'SIDE CHAIN' 
4 1 A B 130 ? ? 0.061 'SIDE CHAIN' 
5 1 A B 140 ? ? 0.073 'SIDE CHAIN' 
6 1 G B 31  L ? 0.088 'SIDE CHAIN' 
7 1 A B 33  L ? 0.065 'SIDE CHAIN' 
8 1 A B 34  L ? 0.061 'SIDE CHAIN' 
9 1 U B 161 ? ? 0.133 'SIDE CHAIN' 
# 
loop_
_ndb_struct_conf_na.entry_id 
_ndb_struct_conf_na.feature 
359D 'double helix'         
359D 'a-form double helix'  
359D tetraloop              
359D 'mismatched base pair' 
359D 'three-way junction'   
# 
loop_
_ndb_struct_na_base_pair.model_number 
_ndb_struct_na_base_pair.i_label_asym_id 
_ndb_struct_na_base_pair.i_label_comp_id 
_ndb_struct_na_base_pair.i_label_seq_id 
_ndb_struct_na_base_pair.i_symmetry 
_ndb_struct_na_base_pair.j_label_asym_id 
_ndb_struct_na_base_pair.j_label_comp_id 
_ndb_struct_na_base_pair.j_label_seq_id 
_ndb_struct_na_base_pair.j_symmetry 
_ndb_struct_na_base_pair.shear 
_ndb_struct_na_base_pair.stretch 
_ndb_struct_na_base_pair.stagger 
_ndb_struct_na_base_pair.buckle 
_ndb_struct_na_base_pair.propeller 
_ndb_struct_na_base_pair.opening 
_ndb_struct_na_base_pair.pair_number 
_ndb_struct_na_base_pair.pair_name 
_ndb_struct_na_base_pair.i_auth_asym_id 
_ndb_struct_na_base_pair.i_auth_seq_id 
_ndb_struct_na_base_pair.i_PDB_ins_code 
_ndb_struct_na_base_pair.j_auth_asym_id 
_ndb_struct_na_base_pair.j_auth_seq_id 
_ndb_struct_na_base_pair.j_PDB_ins_code 
_ndb_struct_na_base_pair.hbond_type_28 
_ndb_struct_na_base_pair.hbond_type_12 
1 A G 1  1_555 B C 25 1_555 0.210  0.326  -0.049 -11.292 -12.108 3.262   1  A_G25:C15_B   A 25  ? B 15  ? 19 1  
1 A U 2  1_555 B A 24 1_555 -0.612 0.368  -0.268 2.564   -14.763 12.184  2  A_U24:A14_B   A 24  ? B 14  ? ?  ?  
1 A G 3  1_555 B C 23 1_555 0.656  -0.328 -0.303 1.706   -7.140  -3.458  3  A_G23:C13_B   A 23  ? B 13  ? 19 1  
1 A G 4  1_555 B C 22 1_555 -0.306 -0.199 -0.369 3.075   -13.519 5.657   4  A_G22:C12_B   A 22  ? B 12  ? 19 1  
1 A U 5  1_555 B A 21 1_555 -0.324 -0.278 -0.669 11.862  -7.762  2.552   5  A_U21:A11_B   A 21  ? B 11  ? 20 1  
1 A C 6  1_555 B C 20 1_555 2.395  -1.650 0.658  29.756  -10.662 16.698  6  A_C30:C170_B  A 30  ? B 170 ? ?  ?  
1 B G 1  1_555 A C 16 1_555 0.013  0.090  0.564  -0.723  -9.633  -2.321  7  B_G114:C104_A B 114 ? A 104 ? 19 1  
1 B G 2  1_555 A C 15 1_555 0.099  -0.346 0.153  -1.398  -12.824 -4.385  8  B_G113:C103_A B 113 ? A 103 ? 19 1  
1 B C 3  1_555 A G 14 1_555 0.230  -0.287 0.048  2.575   -9.480  -6.748  9  B_C112:G102_A B 112 ? A 102 ? 19 1  
1 B C 4  1_555 A G 13 1_555 0.275  -0.568 0.189  3.259   -8.117  1.377   10 B_C111:G101_A B 111 ? A 101 ? 19 1  
1 B G 5  1_555 A A 12 1_555 7.134  -4.958 -0.219 8.503   -12.345 -20.632 11 B_G120:A90_A  B 120 ? A 90  ? ?  10 
1 B A 6  1_555 A G 11 1_555 -6.563 -4.096 0.114  -24.142 13.269  4.756   12 B_A130:G80_A  B 130 ? A 80  ? 11 10 
1 B A 7  1_555 A U 10 1_555 -6.348 -0.153 1.348  26.347  -10.483 55.105  13 B_A140:U70_A  B 140 ? A 70  ? ?  5  
1 B A 8  1_555 B U 19 1_555 0.738  1.227  -0.689 -6.784  -17.420 -39.028 14 B_A151:U161_B B 151 ? B 161 ? ?  ?  
1 B C 9  1_555 B G 18 1_555 -0.210 -0.307 0.486  -0.692  -16.202 -4.258  15 B_C152:G162_B B 152 ? B 162 ? 19 1  
1 B U 10 1_555 B A 17 1_555 -0.358 0.085  0.107  7.268   -10.126 5.091   16 B_U153:A163_B B 153 ? B 163 ? 20 1  
1 B C 11 1_555 B G 16 1_555 0.141  -0.182 0.093  9.483   0.667   0.522   17 B_C154:G164_B B 154 ? B 164 ? 19 1  
1 B G 12 1_555 B A 15 1_555 7.520  -6.347 1.065  0.927   -23.823 -37.582 18 B_G31L:A34L_B B 31  L B 34  L ?  ?  
# 
loop_
_ndb_struct_na_base_pair_step.model_number 
_ndb_struct_na_base_pair_step.i_label_asym_id_1 
_ndb_struct_na_base_pair_step.i_label_comp_id_1 
_ndb_struct_na_base_pair_step.i_label_seq_id_1 
_ndb_struct_na_base_pair_step.i_symmetry_1 
_ndb_struct_na_base_pair_step.j_label_asym_id_1 
_ndb_struct_na_base_pair_step.j_label_comp_id_1 
_ndb_struct_na_base_pair_step.j_label_seq_id_1 
_ndb_struct_na_base_pair_step.j_symmetry_1 
_ndb_struct_na_base_pair_step.i_label_asym_id_2 
_ndb_struct_na_base_pair_step.i_label_comp_id_2 
_ndb_struct_na_base_pair_step.i_label_seq_id_2 
_ndb_struct_na_base_pair_step.i_symmetry_2 
_ndb_struct_na_base_pair_step.j_label_asym_id_2 
_ndb_struct_na_base_pair_step.j_label_comp_id_2 
_ndb_struct_na_base_pair_step.j_label_seq_id_2 
_ndb_struct_na_base_pair_step.j_symmetry_2 
_ndb_struct_na_base_pair_step.shift 
_ndb_struct_na_base_pair_step.slide 
_ndb_struct_na_base_pair_step.rise 
_ndb_struct_na_base_pair_step.tilt 
_ndb_struct_na_base_pair_step.roll 
_ndb_struct_na_base_pair_step.twist 
_ndb_struct_na_base_pair_step.x_displacement 
_ndb_struct_na_base_pair_step.y_displacement 
_ndb_struct_na_base_pair_step.helical_rise 
_ndb_struct_na_base_pair_step.inclination 
_ndb_struct_na_base_pair_step.tip 
_ndb_struct_na_base_pair_step.helical_twist 
_ndb_struct_na_base_pair_step.step_number 
_ndb_struct_na_base_pair_step.step_name 
_ndb_struct_na_base_pair_step.i_auth_asym_id_1 
_ndb_struct_na_base_pair_step.i_auth_seq_id_1 
_ndb_struct_na_base_pair_step.i_PDB_ins_code_1 
_ndb_struct_na_base_pair_step.j_auth_asym_id_1 
_ndb_struct_na_base_pair_step.j_auth_seq_id_1 
_ndb_struct_na_base_pair_step.j_PDB_ins_code_1 
_ndb_struct_na_base_pair_step.i_auth_asym_id_2 
_ndb_struct_na_base_pair_step.i_auth_seq_id_2 
_ndb_struct_na_base_pair_step.i_PDB_ins_code_2 
_ndb_struct_na_base_pair_step.j_auth_asym_id_2 
_ndb_struct_na_base_pair_step.j_auth_seq_id_2 
_ndb_struct_na_base_pair_step.j_PDB_ins_code_2 
1 A G 1  1_555 B C 25 1_555 A U 2  1_555 B A 24 1_555 -0.414 -0.948 2.916 -0.047  1.965  27.930  -2.370 0.847  2.845  4.064  0.096 
27.998  1  AA_G25U24:A14C15_BB     A 25  ? B 15  ? A 24  ? B 14  ? 
1 A U 2  1_555 B A 24 1_555 A G 3  1_555 B C 23 1_555 -0.011 -1.041 3.324 -1.392  6.899  39.769  -2.278 -0.140 3.107  10.045 2.027 
40.362  2  AA_U24G23:C13A14_BB     A 24  ? B 14  ? A 23  ? B 13  ? 
1 A G 3  1_555 B C 23 1_555 A G 4  1_555 B C 22 1_555 0.552  -2.003 3.264 1.695   7.221  20.875  -7.696 -0.856 2.475  19.166 
-4.500 22.139  3  AA_G23G22:C12C13_BB     A 23  ? B 13  ? A 22  ? B 12  ? 
1 A G 4  1_555 B C 22 1_555 A U 5  1_555 B A 21 1_555 0.057  -2.046 3.066 -0.959  2.632  29.652  -4.481 -0.292 2.875  5.129  1.869 
29.781  4  AA_G22U21:A11C12_BB     A 22  ? B 12  ? A 21  ? B 11  ? 
1 A U 5  1_555 B A 21 1_555 A C 6  1_555 B C 20 1_555 0.768  -1.765 2.844 -11.735 -1.648 40.274  -2.321 -2.114 2.598  -2.332 
16.613 41.911  5  AA_U21C30:C170A11_BB    A 21  ? B 11  ? A 30  ? B 170 ? 
1 B G 1  1_555 A C 16 1_555 B G 2  1_555 A C 15 1_555 -0.926 -1.602 3.198 -1.892  4.468  34.289  -3.350 1.278  3.017  7.531  3.189 
34.620  6  BB_G114G113:C103C104_AA B 114 ? A 104 ? B 113 ? A 103 ? 
1 B G 2  1_555 A C 15 1_555 B C 3  1_555 A G 14 1_555 -0.189 -1.834 3.194 -1.970  2.061  36.270  -3.214 0.039  3.095  3.305  3.158 
36.378  7  BB_G113C112:G102C103_AA B 113 ? A 103 ? B 112 ? A 102 ? 
1 B C 3  1_555 A G 14 1_555 B C 4  1_555 A G 13 1_555 -0.022 -2.006 3.265 -0.952  -0.729 24.255  -4.538 -0.250 3.322  -1.734 2.265 
24.284  8  BB_C112C111:G101G102_AA B 112 ? A 102 ? B 111 ? A 101 ? 
1 B C 4  1_555 A G 13 1_555 B G 5  1_555 A A 12 1_555 -1.226 -1.136 3.387 5.672   5.335  62.805  -1.321 1.422  3.181  5.099  
-5.420 63.237  9  BB_C111G120:A90G101_AA  B 111 ? A 101 ? B 120 ? A 90  ? 
1 B G 5  1_555 A A 12 1_555 B A 6  1_555 A G 11 1_555 1.420  -1.057 3.984 1.862   -0.942 -13.155 5.724  8.430  3.663  4.078  8.060 
-13.318 10 BB_G120A130:G80A90_AA   B 120 ? A 90  ? B 130 ? A 80  ? 
1 B A 6  1_555 A G 11 1_555 B A 7  1_555 A U 10 1_555 3.041  -1.148 1.845 -17.995 6.040  27.256  -2.281 -6.127 -0.301 11.250 
33.520 33.111  11 BB_A130A140:U70G80_AA   B 130 ? A 80  ? B 140 ? A 70  ? 
1 B A 7  1_555 A U 10 1_555 B A 8  1_555 B U 19 1_555 -2.391 -1.380 3.864 0.014   13.854 78.733  -1.503 1.865  3.622  10.843 
-0.011 79.747  12 BB_A140A151:U161U70_BA  B 140 ? A 70  ? B 151 ? B 161 ? 
1 B A 8  1_555 B U 19 1_555 B C 9  1_555 B G 18 1_555 1.356  -1.297 2.951 -11.233 3.798  24.509  -3.510 -5.106 1.935  8.350  
24.697 27.187  13 BB_A151C152:G162U161_BB B 151 ? B 161 ? B 152 ? B 162 ? 
1 B C 9  1_555 B G 18 1_555 B U 10 1_555 B A 17 1_555 0.080  -1.329 3.180 -0.941  0.037  35.975  -2.156 -0.260 3.175  0.059  1.524 
35.987  14 BB_C152U153:A163G162_BB B 152 ? B 162 ? B 153 ? B 163 ? 
1 B U 10 1_555 B A 17 1_555 B C 11 1_555 B G 16 1_555 -0.106 -1.796 3.312 -2.650  5.212  32.729  -3.987 -0.245 2.998  9.159  4.656 
33.233  15 BB_U153C154:G164A163_BB B 153 ? B 163 ? B 154 ? B 164 ? 
1 B C 11 1_555 B G 16 1_555 B G 12 1_555 B A 15 1_555 -3.316 -1.373 3.580 -0.577  17.918 57.206  -2.317 3.299  3.095  18.226 0.587 
59.722  16 BB_C154G31L:A34LG164_BB B 154 ? B 164 ? B 31  L B 34  L 
# 
_pdbx_entity_nonpoly.entity_id   3 
_pdbx_entity_nonpoly.name        'TERBIUM(III) ION' 
_pdbx_entity_nonpoly.comp_id     TB 
# 
_pdbx_initial_refinement_model.id               1 
_pdbx_initial_refinement_model.entity_id_list   ? 
_pdbx_initial_refinement_model.type             'experimental model' 
_pdbx_initial_refinement_model.source_name      PDB 
_pdbx_initial_refinement_model.accession_code   299D 
_pdbx_initial_refinement_model.details          'NDB ENTRY URX057 (PDB ENTRY 299D)' 
# 
